data_5E94
#
_entry.id   5E94
#
_cell.length_a   57.201
_cell.length_b   65.692
_cell.length_c   88.351
_cell.angle_alpha   111.61
_cell.angle_beta   97.47
_cell.angle_gamma   91.28
#
_symmetry.space_group_name_H-M   'P 1'
#
loop_
_entity.id
_entity.type
_entity.pdbx_description
1 polymer 'Antibody Fab fragment light chain'
2 polymer 'Antibody Fab fragment heavy chain'
3 polymer 'Glucagon-like peptide 1 receptor'
4 water water
#
loop_
_entity_poly.entity_id
_entity_poly.type
_entity_poly.pdbx_seq_one_letter_code
_entity_poly.pdbx_strand_id
1 'polypeptide(L)'
;DIQMTQTTSSLSASLGDRVTISCRASQDISNYLNWYQQKPDGTVKLLIYYTSRLHSGVPSRFSGSGSGTDYSLTISSLEQ
EDVATYFCQQGNTLPFTFGSGTKLEIKRTVAAPSVFIFPPSDEQLKSGTASVVCLLNNFYPREAKVQWKVDNALQSGNSQ
ESVTEQDSKDSTYSLSSTLTLSKADYEKHKVYACEVTHQGLSSPVTKSFNRGEC
;
A,C
2 'polypeptide(L)'
;DVQLQESGPGLVKPSQSLSLTCTVTGYSITSTYDWHWIRHFPGNILEWMGYISYSGSTNYNPSLKSRISITHDTSKNRFF
LKLNSVTSEDTATYYCARATASFYDGSYYFDYWGQGTTLTVSSASTKGPSVFPLAPCSRSTSESTAALGCLVKDYFPEPV
TVSWNSGALTSGVHTFPAVLQSSGLYSLSSVVTVPSSSLGTKTYTCNVDHKPSNTKVDKRVESK
;
B,D
3 'polypeptide(L)'
;GSHMRPQGATVSLWETVQKWREYRRQCQRSLTEDPPPATDLFCNRTFDEYACWPDGEPGSFVNVSCPWYLPWASSVPQGH
VYRFCTAEGLWLQKDNSSLPWRDLSECEESKRGERSSPEEQLLFLY
;
G,H
#
# COMPACT_ATOMS: atom_id res chain seq x y z
N ASP A 1 -22.08 -31.57 -16.49
CA ASP A 1 -21.77 -32.07 -17.82
C ASP A 1 -22.86 -31.66 -18.80
N ILE A 2 -23.03 -30.35 -18.96
CA ILE A 2 -24.20 -29.80 -19.63
C ILE A 2 -23.97 -29.59 -21.12
N GLN A 3 -24.81 -30.21 -21.94
CA GLN A 3 -24.74 -30.05 -23.39
C GLN A 3 -25.49 -28.81 -23.84
N MET A 4 -24.84 -28.00 -24.66
CA MET A 4 -25.47 -26.83 -25.27
C MET A 4 -25.66 -27.13 -26.73
N THR A 5 -26.90 -27.02 -27.19
CA THR A 5 -27.22 -27.32 -28.59
C THR A 5 -27.75 -26.10 -29.28
N GLN A 6 -27.12 -25.73 -30.40
CA GLN A 6 -27.72 -24.75 -31.29
C GLN A 6 -28.13 -25.50 -32.55
N THR A 7 -29.40 -25.86 -32.59
CA THR A 7 -29.92 -26.74 -33.62
C THR A 7 -29.59 -26.23 -35.04
N THR A 8 -29.79 -24.95 -35.26
CA THR A 8 -29.35 -24.31 -36.50
C THR A 8 -27.85 -23.99 -36.44
N SER A 9 -27.06 -24.59 -37.33
CA SER A 9 -25.63 -24.28 -37.37
C SER A 9 -25.31 -23.24 -38.44
N SER A 10 -26.31 -22.90 -39.25
CA SER A 10 -26.10 -21.94 -40.33
C SER A 10 -27.39 -21.22 -40.69
N LEU A 11 -27.29 -19.91 -40.89
CA LEU A 11 -28.47 -19.07 -41.12
C LEU A 11 -28.11 -17.91 -42.03
N SER A 12 -28.99 -17.59 -42.97
CA SER A 12 -28.77 -16.45 -43.84
C SER A 12 -29.98 -15.53 -43.79
N ALA A 13 -29.72 -14.23 -43.64
CA ALA A 13 -30.81 -13.26 -43.53
C ALA A 13 -30.49 -11.99 -44.31
N SER A 14 -31.53 -11.28 -44.72
CA SER A 14 -31.36 -10.05 -45.50
C SER A 14 -30.89 -8.93 -44.61
N LEU A 15 -30.11 -8.00 -45.17
CA LEU A 15 -29.76 -6.77 -44.46
C LEU A 15 -31.04 -6.08 -43.98
N GLY A 16 -31.02 -5.65 -42.72
CA GLY A 16 -32.17 -5.01 -42.12
C GLY A 16 -33.17 -5.94 -41.46
N ASP A 17 -33.03 -7.25 -41.67
CA ASP A 17 -34.03 -8.16 -41.13
C ASP A 17 -33.74 -8.57 -39.69
N ARG A 18 -34.79 -9.02 -38.99
CA ARG A 18 -34.66 -9.50 -37.61
C ARG A 18 -34.08 -10.90 -37.63
N VAL A 19 -33.12 -11.17 -36.74
CA VAL A 19 -32.46 -12.48 -36.69
C VAL A 19 -32.63 -13.11 -35.32
N THR A 20 -33.02 -14.40 -35.24
CA THR A 20 -33.04 -15.09 -33.95
C THR A 20 -32.17 -16.34 -33.96
N ILE A 21 -31.25 -16.42 -33.01
CA ILE A 21 -30.40 -17.61 -32.83
C ILE A 21 -30.78 -18.26 -31.50
N SER A 22 -30.99 -19.57 -31.53
CA SER A 22 -31.54 -20.26 -30.38
C SER A 22 -30.56 -21.26 -29.80
N CYS A 23 -30.67 -21.48 -28.49
CA CYS A 23 -29.77 -22.38 -27.81
C CYS A 23 -30.62 -23.18 -26.84
N ARG A 24 -30.25 -24.44 -26.63
CA ARG A 24 -30.93 -25.28 -25.67
C ARG A 24 -29.92 -26.01 -24.79
N ALA A 25 -30.11 -25.93 -23.47
CA ALA A 25 -29.25 -26.63 -22.53
C ALA A 25 -29.83 -27.99 -22.14
N SER A 26 -28.98 -28.96 -21.86
CA SER A 26 -29.44 -30.31 -21.54
C SER A 26 -30.12 -30.35 -20.16
N GLN A 27 -29.94 -29.30 -19.36
CA GLN A 27 -30.65 -29.20 -18.09
C GLN A 27 -30.78 -27.75 -17.71
N ASP A 28 -31.55 -27.48 -16.66
CA ASP A 28 -31.87 -26.11 -16.27
C ASP A 28 -30.59 -25.37 -15.89
N ILE A 29 -30.29 -24.26 -16.55
CA ILE A 29 -29.05 -23.54 -16.19
C ILE A 29 -29.32 -22.20 -15.50
N SER A 30 -30.56 -21.99 -15.06
CA SER A 30 -30.90 -20.89 -14.15
C SER A 30 -30.47 -19.52 -14.66
N ASN A 31 -30.67 -19.28 -15.97
CA ASN A 31 -30.37 -18.01 -16.66
C ASN A 31 -28.87 -17.68 -16.76
N TYR A 32 -28.00 -18.58 -16.33
CA TYR A 32 -26.58 -18.32 -16.50
C TYR A 32 -26.17 -18.71 -17.90
N LEU A 33 -26.57 -17.87 -18.86
CA LEU A 33 -26.35 -18.15 -20.27
C LEU A 33 -25.71 -16.90 -20.89
N ASN A 34 -24.55 -17.09 -21.48
CA ASN A 34 -23.79 -16.01 -22.10
C ASN A 34 -23.76 -16.18 -23.64
N TRP A 35 -23.76 -15.08 -24.37
CA TRP A 35 -23.62 -15.13 -25.85
C TRP A 35 -22.33 -14.46 -26.31
N TYR A 36 -21.60 -15.13 -27.21
CA TYR A 36 -20.38 -14.60 -27.79
C TYR A 36 -20.47 -14.53 -29.31
N GLN A 37 -19.82 -13.51 -29.86
CA GLN A 37 -19.71 -13.35 -31.29
C GLN A 37 -18.27 -13.62 -31.74
N GLN A 38 -18.09 -14.50 -32.71
CA GLN A 38 -16.77 -14.70 -33.26
C GLN A 38 -16.74 -14.24 -34.71
N LYS A 39 -16.02 -13.16 -34.99
CA LYS A 39 -15.91 -12.63 -36.35
C LYS A 39 -15.11 -13.57 -37.26
N PRO A 40 -15.30 -13.46 -38.59
CA PRO A 40 -14.50 -14.28 -39.52
C PRO A 40 -12.98 -14.23 -39.26
N ASP A 41 -12.42 -13.08 -38.93
CA ASP A 41 -10.97 -13.01 -38.65
C ASP A 41 -10.53 -13.64 -37.30
N GLY A 42 -11.51 -14.14 -36.54
CA GLY A 42 -11.23 -14.88 -35.31
C GLY A 42 -11.47 -14.13 -34.00
N THR A 43 -11.69 -12.82 -34.08
CA THR A 43 -11.86 -12.03 -32.86
C THR A 43 -13.16 -12.41 -32.19
N VAL A 44 -13.12 -12.50 -30.87
CA VAL A 44 -14.27 -12.91 -30.10
C VAL A 44 -14.63 -11.79 -29.15
N LYS A 45 -15.93 -11.52 -29.07
CA LYS A 45 -16.52 -10.47 -28.25
C LYS A 45 -17.68 -11.05 -27.45
N LEU A 46 -17.75 -10.72 -26.16
CA LEU A 46 -18.95 -10.97 -25.34
C LEU A 46 -20.08 -10.02 -25.77
N LEU A 47 -21.27 -10.55 -25.96
CA LEU A 47 -22.42 -9.72 -26.36
C LEU A 47 -23.34 -9.52 -25.18
N ILE A 48 -23.77 -10.66 -24.65
CA ILE A 48 -24.81 -10.76 -23.66
C ILE A 48 -24.37 -11.72 -22.54
N TYR A 49 -24.67 -11.39 -21.29
CA TYR A 49 -24.42 -12.30 -20.18
C TYR A 49 -25.67 -12.37 -19.33
N TYR A 50 -25.78 -13.44 -18.56
CA TYR A 50 -26.96 -13.66 -17.71
C TYR A 50 -28.26 -13.48 -18.51
N THR A 51 -28.31 -14.16 -19.66
CA THR A 51 -29.47 -14.26 -20.56
C THR A 51 -29.80 -12.99 -21.36
N SER A 52 -29.74 -11.82 -20.73
CA SER A 52 -30.29 -10.62 -21.36
C SER A 52 -29.53 -9.33 -21.10
N ARG A 53 -28.47 -9.39 -20.31
CA ARG A 53 -27.73 -8.18 -19.99
C ARG A 53 -26.72 -7.87 -21.10
N LEU A 54 -26.77 -6.65 -21.61
CA LEU A 54 -25.93 -6.21 -22.70
C LEU A 54 -24.55 -5.79 -22.18
N HIS A 55 -23.47 -6.37 -22.70
CA HIS A 55 -22.14 -5.92 -22.26
C HIS A 55 -21.91 -4.51 -22.79
N SER A 56 -21.26 -3.65 -22.01
CA SER A 56 -21.10 -2.26 -22.44
C SER A 56 -20.30 -2.19 -23.74
N GLY A 57 -20.71 -1.30 -24.64
CA GLY A 57 -20.07 -1.17 -25.93
C GLY A 57 -20.75 -1.96 -27.04
N VAL A 58 -21.58 -2.94 -26.67
CA VAL A 58 -22.30 -3.78 -27.61
C VAL A 58 -23.55 -3.05 -28.15
N PRO A 59 -23.77 -3.05 -29.48
CA PRO A 59 -24.95 -2.37 -30.04
C PRO A 59 -26.28 -2.79 -29.38
N SER A 60 -27.21 -1.86 -29.23
CA SER A 60 -28.49 -2.19 -28.61
C SER A 60 -29.37 -3.03 -29.52
N ARG A 61 -28.95 -3.23 -30.77
CA ARG A 61 -29.67 -4.13 -31.70
C ARG A 61 -29.68 -5.58 -31.19
N PHE A 62 -28.70 -5.91 -30.34
CA PHE A 62 -28.61 -7.22 -29.70
C PHE A 62 -29.46 -7.30 -28.42
N SER A 63 -30.27 -8.35 -28.31
CA SER A 63 -30.93 -8.61 -27.04
C SER A 63 -30.98 -10.13 -26.84
N GLY A 64 -31.23 -10.53 -25.60
CA GLY A 64 -31.31 -11.94 -25.26
C GLY A 64 -32.49 -12.23 -24.36
N SER A 65 -33.03 -13.44 -24.46
CA SER A 65 -34.13 -13.85 -23.60
C SER A 65 -34.06 -15.36 -23.35
N GLY A 66 -34.93 -15.85 -22.49
CA GLY A 66 -35.02 -17.27 -22.17
C GLY A 66 -35.05 -17.59 -20.69
N SER A 67 -35.20 -18.87 -20.38
CA SER A 67 -35.20 -19.37 -19.02
C SER A 67 -35.19 -20.89 -19.07
N GLY A 68 -34.92 -21.52 -17.92
CA GLY A 68 -34.86 -22.97 -17.88
C GLY A 68 -33.76 -23.49 -18.78
N THR A 69 -34.17 -24.23 -19.83
CA THR A 69 -33.25 -24.82 -20.80
C THR A 69 -33.21 -24.10 -22.15
N ASP A 70 -34.13 -23.16 -22.39
CA ASP A 70 -34.25 -22.55 -23.73
C ASP A 70 -33.96 -21.04 -23.75
N TYR A 71 -33.05 -20.63 -24.62
CA TYR A 71 -32.54 -19.25 -24.67
C TYR A 71 -32.44 -18.80 -26.12
N SER A 72 -32.49 -17.49 -26.34
CA SER A 72 -32.37 -17.01 -27.69
C SER A 72 -31.65 -15.68 -27.67
N LEU A 73 -30.87 -15.44 -28.74
CA LEU A 73 -30.22 -14.18 -29.04
C LEU A 73 -30.94 -13.54 -30.23
N THR A 74 -31.20 -12.24 -30.17
CA THR A 74 -31.94 -11.61 -31.27
C THR A 74 -31.17 -10.41 -31.76
N ILE A 75 -31.10 -10.28 -33.08
CA ILE A 75 -30.54 -9.08 -33.72
C ILE A 75 -31.74 -8.35 -34.32
N SER A 76 -32.02 -7.13 -33.89
CA SER A 76 -33.28 -6.51 -34.30
C SER A 76 -33.26 -6.11 -35.79
N SER A 77 -32.11 -5.65 -36.27
CA SER A 77 -31.92 -5.40 -37.70
C SER A 77 -30.51 -5.78 -38.10
N LEU A 78 -30.40 -6.74 -39.01
CA LEU A 78 -29.10 -7.25 -39.43
C LEU A 78 -28.30 -6.20 -40.19
N GLU A 79 -27.05 -5.99 -39.77
CA GLU A 79 -26.15 -5.11 -40.50
C GLU A 79 -24.95 -5.92 -40.97
N GLN A 80 -24.24 -5.44 -41.98
CA GLN A 80 -23.09 -6.16 -42.55
C GLN A 80 -22.06 -6.62 -41.49
N GLU A 81 -21.73 -5.76 -40.54
CA GLU A 81 -20.69 -6.14 -39.58
C GLU A 81 -21.15 -7.20 -38.56
N ASP A 82 -22.38 -7.69 -38.69
CA ASP A 82 -22.88 -8.77 -37.83
C ASP A 82 -22.61 -10.15 -38.41
N VAL A 83 -22.09 -10.21 -39.64
CA VAL A 83 -21.66 -11.48 -40.21
C VAL A 83 -20.56 -12.07 -39.32
N ALA A 84 -20.82 -13.25 -38.76
CA ALA A 84 -20.05 -13.77 -37.66
C ALA A 84 -20.65 -15.11 -37.27
N THR A 85 -19.96 -15.82 -36.39
CA THR A 85 -20.51 -17.02 -35.80
C THR A 85 -20.85 -16.72 -34.33
N TYR A 86 -22.05 -17.14 -33.92
CA TYR A 86 -22.59 -16.85 -32.59
C TYR A 86 -22.64 -18.12 -31.74
N PHE A 87 -22.07 -18.04 -30.54
CA PHE A 87 -21.96 -19.17 -29.59
C PHE A 87 -22.64 -18.87 -28.26
N CYS A 88 -23.46 -19.79 -27.78
CA CYS A 88 -23.94 -19.70 -26.40
C CYS A 88 -22.98 -20.45 -25.48
N GLN A 89 -23.13 -20.21 -24.19
CA GLN A 89 -22.23 -20.74 -23.17
C GLN A 89 -22.95 -20.75 -21.84
N GLN A 90 -23.05 -21.91 -21.20
CA GLN A 90 -23.62 -21.95 -19.86
C GLN A 90 -22.51 -21.70 -18.84
N GLY A 91 -22.83 -20.88 -17.83
CA GLY A 91 -21.94 -20.53 -16.75
C GLY A 91 -22.58 -20.85 -15.40
N ASN A 92 -23.32 -21.96 -15.40
CA ASN A 92 -24.03 -22.44 -14.23
C ASN A 92 -23.12 -23.36 -13.41
N THR A 93 -22.45 -24.30 -14.07
CA THR A 93 -21.68 -25.33 -13.39
C THR A 93 -20.47 -25.76 -14.23
N LEU A 94 -19.38 -26.10 -13.57
CA LEU A 94 -18.19 -26.65 -14.25
C LEU A 94 -18.47 -28.07 -14.76
N PRO A 95 -17.86 -28.44 -15.88
CA PRO A 95 -17.04 -27.56 -16.72
C PRO A 95 -17.91 -26.62 -17.54
N PHE A 96 -17.42 -25.40 -17.78
CA PHE A 96 -18.17 -24.53 -18.68
C PHE A 96 -18.24 -25.20 -20.04
N THR A 97 -19.38 -25.04 -20.71
CA THR A 97 -19.59 -25.66 -22.01
C THR A 97 -20.26 -24.67 -22.96
N PHE A 98 -19.92 -24.80 -24.24
CA PHE A 98 -20.41 -23.91 -25.29
C PHE A 98 -21.29 -24.66 -26.29
N GLY A 99 -22.24 -23.95 -26.89
CA GLY A 99 -22.96 -24.48 -28.04
C GLY A 99 -22.07 -24.63 -29.25
N SER A 100 -22.57 -25.27 -30.30
CA SER A 100 -21.77 -25.57 -31.50
C SER A 100 -21.70 -24.39 -32.48
N GLY A 101 -22.43 -23.32 -32.17
CA GLY A 101 -22.35 -22.13 -32.98
C GLY A 101 -23.35 -22.05 -34.12
N THR A 102 -23.74 -20.83 -34.44
CA THR A 102 -24.55 -20.54 -35.61
C THR A 102 -23.84 -19.50 -36.46
N LYS A 103 -23.48 -19.88 -37.68
CA LYS A 103 -22.82 -18.96 -38.60
C LYS A 103 -23.87 -18.13 -39.31
N LEU A 104 -23.73 -16.82 -39.21
CA LEU A 104 -24.71 -15.91 -39.78
C LEU A 104 -24.13 -15.22 -41.00
N GLU A 105 -24.86 -15.27 -42.11
CA GLU A 105 -24.40 -14.65 -43.36
C GLU A 105 -25.54 -13.89 -44.04
N ILE A 106 -25.21 -13.11 -45.06
CA ILE A 106 -26.16 -12.22 -45.72
C ILE A 106 -26.93 -12.93 -46.82
N LYS A 107 -28.25 -12.78 -46.80
CA LYS A 107 -29.08 -13.26 -47.88
C LYS A 107 -29.22 -12.18 -48.94
N ARG A 108 -28.95 -12.53 -50.18
CA ARG A 108 -29.11 -11.57 -51.26
C ARG A 108 -29.94 -12.24 -52.36
N THR A 109 -30.20 -11.48 -53.42
CA THR A 109 -30.92 -12.04 -54.56
C THR A 109 -30.09 -13.10 -55.27
N VAL A 110 -30.78 -14.05 -55.91
CA VAL A 110 -30.11 -15.15 -56.59
C VAL A 110 -29.13 -14.64 -57.64
N ALA A 111 -27.93 -15.23 -57.66
CA ALA A 111 -26.96 -14.98 -58.71
C ALA A 111 -26.38 -16.30 -59.19
N ALA A 112 -26.59 -16.60 -60.47
CA ALA A 112 -26.04 -17.82 -61.06
C ALA A 112 -24.51 -17.79 -61.13
N PRO A 113 -23.87 -18.93 -60.92
CA PRO A 113 -22.40 -18.99 -61.09
C PRO A 113 -21.96 -18.83 -62.56
N SER A 114 -20.82 -18.17 -62.79
CA SER A 114 -20.13 -18.32 -64.07
C SER A 114 -19.19 -19.52 -63.90
N VAL A 115 -19.19 -20.43 -64.87
CA VAL A 115 -18.51 -21.71 -64.66
C VAL A 115 -17.32 -21.80 -65.61
N PHE A 116 -16.16 -22.24 -65.10
CA PHE A 116 -14.99 -22.46 -65.96
C PHE A 116 -14.35 -23.80 -65.64
N ILE A 117 -13.79 -24.45 -66.67
CA ILE A 117 -13.02 -25.67 -66.44
C ILE A 117 -11.57 -25.47 -66.95
N PHE A 118 -10.61 -26.05 -66.23
CA PHE A 118 -9.21 -25.96 -66.57
C PHE A 118 -8.62 -27.38 -66.63
N PRO A 119 -7.91 -27.68 -67.73
CA PRO A 119 -7.19 -28.95 -67.84
C PRO A 119 -5.90 -28.96 -67.01
N PRO A 120 -5.35 -30.15 -66.75
CA PRO A 120 -4.02 -30.18 -66.14
C PRO A 120 -2.97 -29.56 -67.05
N SER A 121 -2.04 -28.82 -66.49
CA SER A 121 -1.05 -28.15 -67.32
C SER A 121 0.00 -29.17 -67.75
N ASP A 122 0.71 -28.91 -68.84
CA ASP A 122 1.72 -29.86 -69.28
C ASP A 122 2.80 -29.98 -68.21
N GLU A 123 3.15 -28.83 -67.62
CA GLU A 123 4.10 -28.79 -66.51
C GLU A 123 3.73 -29.79 -65.39
N GLN A 124 2.46 -29.87 -64.99
CA GLN A 124 2.08 -30.82 -63.94
C GLN A 124 2.15 -32.28 -64.40
N LEU A 125 1.77 -32.52 -65.65
CA LEU A 125 1.66 -33.89 -66.12
C LEU A 125 3.00 -34.64 -66.07
N LYS A 126 4.11 -33.93 -66.29
CA LYS A 126 5.43 -34.57 -66.23
C LYS A 126 5.84 -34.87 -64.81
N SER A 127 5.03 -34.45 -63.83
CA SER A 127 5.27 -34.75 -62.42
C SER A 127 4.58 -36.03 -61.93
N GLY A 128 3.62 -36.54 -62.70
CA GLY A 128 3.03 -37.82 -62.37
C GLY A 128 1.55 -37.80 -62.00
N THR A 129 1.01 -36.62 -61.76
CA THR A 129 -0.42 -36.54 -61.45
C THR A 129 -1.13 -35.48 -62.28
N ALA A 130 -2.45 -35.53 -62.27
CA ALA A 130 -3.27 -34.64 -63.06
C ALA A 130 -4.38 -34.05 -62.19
N SER A 131 -4.47 -32.72 -62.17
CA SER A 131 -5.53 -32.05 -61.44
C SER A 131 -6.44 -31.33 -62.43
N VAL A 132 -7.73 -31.66 -62.38
CA VAL A 132 -8.69 -30.97 -63.23
C VAL A 132 -9.49 -30.05 -62.33
N VAL A 133 -9.65 -28.79 -62.74
CA VAL A 133 -10.26 -27.80 -61.88
C VAL A 133 -11.51 -27.18 -62.50
N CYS A 134 -12.57 -27.13 -61.71
CA CYS A 134 -13.82 -26.49 -62.11
C CYS A 134 -14.07 -25.32 -61.16
N LEU A 135 -14.25 -24.14 -61.74
CA LEU A 135 -14.47 -22.92 -60.97
C LEU A 135 -15.92 -22.43 -61.14
N LEU A 136 -16.57 -22.16 -60.02
CA LEU A 136 -17.88 -21.52 -60.00
C LEU A 136 -17.70 -20.12 -59.43
N ASN A 137 -17.94 -19.10 -60.23
CA ASN A 137 -17.61 -17.75 -59.80
C ASN A 137 -18.82 -16.85 -59.46
N ASN A 138 -18.73 -16.22 -58.28
CA ASN A 138 -19.63 -15.14 -57.86
C ASN A 138 -21.12 -15.50 -57.91
N PHE A 139 -21.51 -16.50 -57.13
CA PHE A 139 -22.89 -16.95 -57.15
C PHE A 139 -23.56 -16.83 -55.78
N TYR A 140 -24.89 -16.97 -55.78
CA TYR A 140 -25.67 -17.02 -54.55
C TYR A 140 -27.02 -17.68 -54.84
N PRO A 141 -27.50 -18.57 -53.95
CA PRO A 141 -26.92 -18.99 -52.67
C PRO A 141 -25.76 -19.97 -52.79
N ARG A 142 -25.21 -20.28 -51.63
CA ARG A 142 -24.06 -21.17 -51.50
C ARG A 142 -24.31 -22.57 -52.06
N GLU A 143 -25.52 -23.07 -51.86
CA GLU A 143 -25.88 -24.43 -52.28
C GLU A 143 -25.66 -24.60 -53.79
N ALA A 144 -24.91 -25.64 -54.14
CA ALA A 144 -24.64 -25.92 -55.55
C ALA A 144 -24.25 -27.39 -55.71
N LYS A 145 -24.68 -28.00 -56.80
CA LYS A 145 -24.26 -29.36 -57.10
C LYS A 145 -23.19 -29.27 -58.16
N VAL A 146 -22.08 -29.96 -57.92
CA VAL A 146 -20.97 -30.00 -58.87
C VAL A 146 -20.65 -31.46 -59.09
N GLN A 147 -20.85 -31.93 -60.32
CA GLN A 147 -20.59 -33.32 -60.63
C GLN A 147 -19.49 -33.40 -61.66
N TRP A 148 -18.56 -34.32 -61.44
CA TRP A 148 -17.51 -34.61 -62.41
C TRP A 148 -17.86 -35.83 -63.27
N LYS A 149 -17.58 -35.72 -64.56
CA LYS A 149 -17.76 -36.83 -65.48
C LYS A 149 -16.53 -37.04 -66.35
N VAL A 150 -16.08 -38.28 -66.39
CA VAL A 150 -14.94 -38.68 -67.21
C VAL A 150 -15.43 -39.73 -68.21
N ASP A 151 -15.36 -39.42 -69.50
CA ASP A 151 -15.99 -40.21 -70.57
C ASP A 151 -17.43 -40.52 -70.18
N ASN A 152 -18.13 -39.45 -69.80
CA ASN A 152 -19.50 -39.46 -69.31
C ASN A 152 -19.75 -40.32 -68.05
N ALA A 153 -18.71 -40.85 -67.42
CA ALA A 153 -18.89 -41.63 -66.19
C ALA A 153 -18.73 -40.76 -64.95
N LEU A 154 -19.71 -40.80 -64.05
CA LEU A 154 -19.65 -40.05 -62.81
C LEU A 154 -18.50 -40.49 -61.90
N GLN A 155 -17.95 -39.53 -61.18
CA GLN A 155 -16.78 -39.73 -60.32
C GLN A 155 -17.12 -39.58 -58.85
N SER A 156 -16.54 -40.43 -58.02
CA SER A 156 -16.70 -40.30 -56.57
C SER A 156 -15.37 -40.57 -55.85
N GLY A 157 -15.14 -39.83 -54.77
CA GLY A 157 -14.02 -40.08 -53.90
C GLY A 157 -12.75 -39.35 -54.27
N ASN A 158 -12.71 -38.80 -55.48
CA ASN A 158 -11.46 -38.26 -56.00
C ASN A 158 -11.52 -36.77 -56.31
N SER A 159 -12.42 -36.04 -55.64
CA SER A 159 -12.49 -34.60 -55.80
C SER A 159 -12.71 -33.87 -54.47
N GLN A 160 -12.26 -32.61 -54.42
CA GLN A 160 -12.37 -31.77 -53.22
C GLN A 160 -12.87 -30.38 -53.61
N GLU A 161 -13.78 -29.84 -52.83
CA GLU A 161 -14.29 -28.48 -53.04
C GLU A 161 -13.66 -27.51 -52.05
N SER A 162 -13.44 -26.28 -52.49
CA SER A 162 -13.10 -25.21 -51.56
C SER A 162 -13.98 -24.00 -51.89
N VAL A 163 -14.43 -23.30 -50.86
CA VAL A 163 -15.34 -22.16 -51.01
C VAL A 163 -14.76 -20.93 -50.35
N THR A 164 -14.88 -19.79 -51.02
CA THR A 164 -14.51 -18.52 -50.39
C THR A 164 -15.48 -18.16 -49.29
N GLU A 165 -15.04 -17.29 -48.39
CA GLU A 165 -15.96 -16.67 -47.44
C GLU A 165 -16.83 -15.70 -48.24
N GLN A 166 -18.03 -15.46 -47.74
CA GLN A 166 -18.98 -14.61 -48.45
C GLN A 166 -18.32 -13.27 -48.75
N ASP A 167 -18.51 -12.78 -49.96
CA ASP A 167 -17.82 -11.57 -50.36
C ASP A 167 -18.43 -10.37 -49.67
N SER A 168 -17.58 -9.55 -49.08
CA SER A 168 -18.03 -8.47 -48.21
C SER A 168 -18.75 -7.35 -48.97
N LYS A 169 -18.55 -7.31 -50.29
CA LYS A 169 -19.14 -6.25 -51.11
C LYS A 169 -20.43 -6.69 -51.81
N ASP A 170 -20.40 -7.81 -52.51
CA ASP A 170 -21.56 -8.22 -53.30
C ASP A 170 -22.29 -9.43 -52.72
N SER A 171 -21.78 -9.93 -51.59
CA SER A 171 -22.40 -11.03 -50.85
C SER A 171 -22.43 -12.36 -51.61
N THR A 172 -21.54 -12.56 -52.58
CA THR A 172 -21.56 -13.79 -53.35
C THR A 172 -20.46 -14.74 -52.87
N TYR A 173 -20.52 -15.97 -53.36
CA TYR A 173 -19.50 -16.95 -53.08
C TYR A 173 -18.82 -17.37 -54.37
N SER A 174 -17.59 -17.87 -54.23
CA SER A 174 -16.95 -18.59 -55.32
C SER A 174 -16.48 -19.94 -54.81
N LEU A 175 -16.32 -20.86 -55.73
CA LEU A 175 -16.10 -22.25 -55.37
C LEU A 175 -15.20 -22.89 -56.39
N SER A 176 -14.28 -23.73 -55.91
CA SER A 176 -13.43 -24.52 -56.79
C SER A 176 -13.69 -25.99 -56.49
N SER A 177 -13.71 -26.80 -57.54
CA SER A 177 -13.75 -28.24 -57.35
C SER A 177 -12.56 -28.80 -58.11
N THR A 178 -11.78 -29.63 -57.44
CA THR A 178 -10.55 -30.15 -58.01
C THR A 178 -10.63 -31.67 -58.09
N LEU A 179 -10.59 -32.19 -59.31
CA LEU A 179 -10.58 -33.63 -59.53
C LEU A 179 -9.13 -34.13 -59.63
N THR A 180 -8.76 -35.10 -58.79
CA THR A 180 -7.40 -35.64 -58.81
C THR A 180 -7.34 -37.06 -59.38
N LEU A 181 -6.55 -37.25 -60.44
CA LEU A 181 -6.32 -38.56 -61.05
C LEU A 181 -4.83 -38.79 -61.23
N SER A 182 -4.42 -40.05 -61.34
CA SER A 182 -3.04 -40.32 -61.70
C SER A 182 -2.86 -39.98 -63.16
N LYS A 183 -1.63 -39.69 -63.56
CA LYS A 183 -1.30 -39.46 -64.95
C LYS A 183 -1.88 -40.55 -65.86
N ALA A 184 -1.76 -41.81 -65.44
CA ALA A 184 -2.16 -42.93 -66.27
C ALA A 184 -3.66 -42.95 -66.49
N ASP A 185 -4.41 -42.68 -65.43
CA ASP A 185 -5.87 -42.65 -65.52
C ASP A 185 -6.28 -41.48 -66.40
N TYR A 186 -5.62 -40.34 -66.21
CA TYR A 186 -5.94 -39.14 -66.98
C TYR A 186 -5.78 -39.40 -68.46
N GLU A 187 -4.71 -40.11 -68.81
CA GLU A 187 -4.37 -40.39 -70.20
C GLU A 187 -5.30 -41.47 -70.80
N LYS A 188 -5.97 -42.23 -69.95
CA LYS A 188 -6.86 -43.31 -70.39
C LYS A 188 -8.22 -42.82 -70.93
N HIS A 189 -8.54 -41.55 -70.68
CA HIS A 189 -9.84 -41.04 -71.09
C HIS A 189 -9.70 -39.76 -71.88
N LYS A 190 -10.77 -39.37 -72.55
CA LYS A 190 -10.76 -38.23 -73.45
C LYS A 190 -11.58 -37.01 -72.98
N VAL A 191 -12.84 -37.24 -72.63
CA VAL A 191 -13.76 -36.17 -72.31
C VAL A 191 -13.81 -35.93 -70.79
N TYR A 192 -13.50 -34.69 -70.38
CA TYR A 192 -13.53 -34.31 -68.97
C TYR A 192 -14.51 -33.19 -68.83
N ALA A 193 -15.47 -33.35 -67.93
CA ALA A 193 -16.57 -32.40 -67.85
C ALA A 193 -16.98 -32.17 -66.40
N CYS A 194 -17.31 -30.93 -66.06
CA CYS A 194 -17.89 -30.63 -64.75
C CYS A 194 -19.28 -30.03 -65.01
N GLU A 195 -20.26 -30.54 -64.27
CA GLU A 195 -21.66 -30.18 -64.45
C GLU A 195 -22.18 -29.51 -63.19
N VAL A 196 -22.75 -28.32 -63.35
CA VAL A 196 -23.16 -27.52 -62.20
C VAL A 196 -24.68 -27.33 -62.20
N THR A 197 -25.29 -27.63 -61.05
CA THR A 197 -26.72 -27.42 -60.82
C THR A 197 -26.90 -26.36 -59.74
N HIS A 198 -27.70 -25.34 -60.03
CA HIS A 198 -27.83 -24.20 -59.12
C HIS A 198 -29.11 -23.43 -59.37
N GLN A 199 -29.67 -22.88 -58.29
CA GLN A 199 -30.92 -22.12 -58.34
C GLN A 199 -30.97 -21.06 -59.44
N GLY A 200 -29.84 -20.42 -59.72
CA GLY A 200 -29.81 -19.35 -60.72
C GLY A 200 -29.73 -19.83 -62.17
N LEU A 201 -29.67 -21.14 -62.34
CA LEU A 201 -29.54 -21.76 -63.65
C LEU A 201 -30.81 -22.53 -63.97
N SER A 202 -31.48 -22.19 -65.07
CA SER A 202 -32.74 -22.84 -65.44
C SER A 202 -32.52 -24.33 -65.67
N SER A 203 -31.32 -24.68 -66.12
CA SER A 203 -30.96 -26.05 -66.44
C SER A 203 -29.45 -26.16 -66.21
N PRO A 204 -28.95 -27.37 -65.96
CA PRO A 204 -27.56 -27.49 -65.51
C PRO A 204 -26.57 -27.01 -66.58
N VAL A 205 -25.44 -26.45 -66.14
CA VAL A 205 -24.40 -25.99 -67.05
C VAL A 205 -23.23 -26.96 -67.02
N THR A 206 -22.81 -27.41 -68.20
CA THR A 206 -21.65 -28.28 -68.28
C THR A 206 -20.54 -27.57 -69.02
N LYS A 207 -19.32 -27.67 -68.47
CA LYS A 207 -18.13 -27.24 -69.15
C LYS A 207 -17.24 -28.46 -69.33
N SER A 208 -16.65 -28.62 -70.51
CA SER A 208 -15.84 -29.81 -70.80
C SER A 208 -14.67 -29.53 -71.72
N PHE A 209 -13.72 -30.46 -71.76
CA PHE A 209 -12.69 -30.44 -72.78
C PHE A 209 -12.29 -31.86 -73.15
N ASN A 210 -11.65 -31.96 -74.32
CA ASN A 210 -11.02 -33.17 -74.78
C ASN A 210 -9.54 -33.08 -74.45
N ARG A 211 -9.04 -34.09 -73.74
CA ARG A 211 -7.65 -34.12 -73.31
C ARG A 211 -6.70 -33.81 -74.46
N GLY A 212 -6.98 -34.37 -75.63
CA GLY A 212 -6.13 -34.18 -76.81
C GLY A 212 -5.99 -32.74 -77.27
N GLU A 213 -7.00 -31.91 -77.01
CA GLU A 213 -6.98 -30.53 -77.51
C GLU A 213 -6.27 -29.56 -76.57
N CYS A 214 -5.76 -30.08 -75.47
CA CYS A 214 -5.02 -29.26 -74.52
C CYS A 214 -3.55 -29.10 -74.93
N ASP B 1 -8.74 -0.28 -20.03
CA ASP B 1 -8.51 -1.03 -21.26
C ASP B 1 -7.63 -2.26 -21.02
N VAL B 2 -8.30 -3.39 -20.85
CA VAL B 2 -7.63 -4.67 -20.69
C VAL B 2 -7.35 -5.25 -22.06
N GLN B 3 -6.12 -5.71 -22.28
CA GLN B 3 -5.81 -6.47 -23.48
C GLN B 3 -5.19 -7.80 -23.10
N LEU B 4 -5.58 -8.84 -23.82
CA LEU B 4 -4.95 -10.15 -23.71
C LEU B 4 -4.43 -10.54 -25.08
N GLN B 5 -3.25 -11.14 -25.14
CA GLN B 5 -2.81 -11.69 -26.42
C GLN B 5 -1.94 -12.91 -26.27
N GLU B 6 -2.30 -13.93 -27.03
CA GLU B 6 -1.67 -15.23 -26.98
C GLU B 6 -0.38 -15.20 -27.82
N SER B 7 0.62 -15.97 -27.41
CA SER B 7 1.77 -16.20 -28.27
C SER B 7 2.18 -17.64 -28.11
N GLY B 8 2.95 -18.15 -29.05
CA GLY B 8 3.47 -19.50 -28.93
C GLY B 8 3.79 -20.07 -30.29
N PRO B 9 4.22 -21.34 -30.32
CA PRO B 9 4.55 -21.91 -31.63
C PRO B 9 3.25 -22.20 -32.36
N GLY B 10 3.24 -21.98 -33.67
CA GLY B 10 2.07 -22.32 -34.46
C GLY B 10 2.05 -23.78 -34.86
N LEU B 11 3.22 -24.41 -34.79
CA LEU B 11 3.39 -25.80 -35.22
C LEU B 11 4.11 -26.63 -34.16
N VAL B 12 3.62 -27.85 -33.94
CA VAL B 12 4.18 -28.77 -32.96
C VAL B 12 4.04 -30.18 -33.50
N LYS B 13 5.03 -31.03 -33.24
CA LYS B 13 5.00 -32.42 -33.67
C LYS B 13 4.21 -33.28 -32.67
N PRO B 14 3.55 -34.34 -33.17
CA PRO B 14 2.80 -35.22 -32.28
C PRO B 14 3.67 -35.77 -31.14
N SER B 15 3.05 -35.91 -29.96
CA SER B 15 3.66 -36.37 -28.71
C SER B 15 4.54 -35.32 -28.01
N GLN B 16 4.84 -34.21 -28.68
CA GLN B 16 5.63 -33.16 -28.02
C GLN B 16 4.78 -32.38 -27.01
N SER B 17 5.41 -31.47 -26.30
CA SER B 17 4.68 -30.61 -25.38
C SER B 17 4.30 -29.30 -26.07
N LEU B 18 3.12 -28.78 -25.72
CA LEU B 18 2.67 -27.49 -26.23
C LEU B 18 2.74 -26.46 -25.10
N SER B 19 3.33 -25.29 -25.36
CA SER B 19 3.36 -24.24 -24.35
C SER B 19 2.95 -22.88 -24.93
N LEU B 20 1.86 -22.33 -24.41
CA LEU B 20 1.36 -21.05 -24.90
C LEU B 20 1.41 -20.02 -23.78
N THR B 21 1.57 -18.76 -24.16
CA THR B 21 1.62 -17.65 -23.24
C THR B 21 0.49 -16.66 -23.52
N CYS B 22 -0.14 -16.17 -22.46
CA CYS B 22 -1.05 -15.06 -22.59
C CYS B 22 -0.46 -13.86 -21.86
N THR B 23 -0.25 -12.80 -22.61
CA THR B 23 0.33 -11.57 -22.08
C THR B 23 -0.78 -10.59 -21.81
N VAL B 24 -0.96 -10.22 -20.54
CA VAL B 24 -2.04 -9.33 -20.15
C VAL B 24 -1.55 -7.92 -19.89
N THR B 25 -2.24 -6.94 -20.45
CA THR B 25 -1.89 -5.54 -20.22
C THR B 25 -3.12 -4.77 -19.81
N GLY B 26 -2.92 -3.78 -18.95
CA GLY B 26 -4.01 -2.93 -18.52
C GLY B 26 -4.68 -3.35 -17.23
N TYR B 27 -4.40 -4.57 -16.79
CA TYR B 27 -4.90 -5.08 -15.49
C TYR B 27 -3.98 -6.15 -14.92
N SER B 28 -3.77 -6.13 -13.61
CA SER B 28 -2.88 -7.09 -12.97
C SER B 28 -3.54 -8.46 -12.84
N ILE B 29 -2.86 -9.53 -13.22
CA ILE B 29 -3.52 -10.84 -13.19
C ILE B 29 -3.55 -11.39 -11.78
N THR B 30 -2.93 -10.72 -10.82
CA THR B 30 -3.01 -11.19 -9.44
C THR B 30 -4.08 -10.49 -8.64
N SER B 31 -4.97 -9.79 -9.33
CA SER B 31 -6.07 -9.06 -8.70
C SER B 31 -7.45 -9.50 -9.22
N THR B 32 -8.33 -9.93 -8.31
CA THR B 32 -9.78 -9.95 -8.53
C THR B 32 -10.35 -11.02 -9.47
N TYR B 33 -9.77 -11.17 -10.66
CA TYR B 33 -10.41 -11.95 -11.74
C TYR B 33 -9.83 -13.35 -11.90
N ASP B 34 -10.47 -14.17 -12.73
CA ASP B 34 -9.88 -15.44 -13.12
C ASP B 34 -9.47 -15.37 -14.59
N TRP B 35 -8.51 -16.21 -14.95
CA TRP B 35 -7.84 -16.12 -16.24
C TRP B 35 -7.89 -17.49 -16.91
N HIS B 36 -8.53 -17.55 -18.08
CA HIS B 36 -8.98 -18.81 -18.67
C HIS B 36 -8.30 -19.14 -20.02
N TRP B 37 -8.29 -20.43 -20.36
CA TRP B 37 -7.92 -20.91 -21.68
C TRP B 37 -9.09 -21.65 -22.27
N ILE B 38 -9.35 -21.36 -23.55
CA ILE B 38 -10.47 -21.92 -24.30
C ILE B 38 -9.96 -22.19 -25.70
N ARG B 39 -10.35 -23.30 -26.31
CA ARG B 39 -9.89 -23.52 -27.66
C ARG B 39 -11.06 -23.82 -28.58
N HIS B 40 -10.88 -23.50 -29.84
CA HIS B 40 -11.89 -23.64 -30.89
C HIS B 40 -11.38 -24.63 -31.93
N PHE B 41 -12.05 -25.78 -32.05
CA PHE B 41 -11.65 -26.78 -33.04
C PHE B 41 -12.19 -26.40 -34.41
N PRO B 42 -11.56 -26.88 -35.48
CA PRO B 42 -12.19 -26.73 -36.79
C PRO B 42 -13.48 -27.55 -36.79
N GLY B 43 -14.61 -26.93 -37.10
CA GLY B 43 -15.90 -27.60 -37.02
C GLY B 43 -16.76 -26.96 -35.95
N ASN B 44 -16.21 -25.90 -35.36
CA ASN B 44 -16.90 -25.03 -34.42
C ASN B 44 -17.19 -25.61 -33.04
N ILE B 45 -16.46 -26.65 -32.65
CA ILE B 45 -16.53 -27.08 -31.26
C ILE B 45 -15.68 -26.09 -30.46
N LEU B 46 -16.32 -25.46 -29.48
CA LEU B 46 -15.60 -24.58 -28.54
C LEU B 46 -15.52 -25.27 -27.19
N GLU B 47 -14.30 -25.49 -26.70
CA GLU B 47 -14.06 -26.26 -25.47
C GLU B 47 -13.38 -25.43 -24.37
N TRP B 48 -13.98 -25.39 -23.18
CA TRP B 48 -13.34 -24.77 -22.02
C TRP B 48 -12.26 -25.68 -21.46
N MET B 49 -11.06 -25.15 -21.26
CA MET B 49 -9.92 -25.95 -20.79
C MET B 49 -9.62 -25.81 -19.30
N GLY B 50 -9.59 -24.57 -18.82
CA GLY B 50 -9.32 -24.35 -17.41
C GLY B 50 -9.08 -22.91 -17.06
N TYR B 51 -8.90 -22.61 -15.78
CA TYR B 51 -8.52 -21.27 -15.40
C TYR B 51 -7.45 -21.30 -14.34
N ILE B 52 -6.78 -20.17 -14.19
CA ILE B 52 -5.97 -19.91 -13.01
C ILE B 52 -6.52 -18.64 -12.41
N SER B 53 -6.71 -18.63 -11.09
CA SER B 53 -7.33 -17.45 -10.47
C SER B 53 -6.28 -16.40 -10.18
N TYR B 54 -6.73 -15.22 -9.76
CA TYR B 54 -5.82 -14.18 -9.29
C TYR B 54 -4.91 -14.67 -8.14
N SER B 55 -5.31 -15.74 -7.45
CA SER B 55 -4.58 -16.24 -6.30
C SER B 55 -3.60 -17.34 -6.68
N GLY B 56 -3.68 -17.79 -7.92
CA GLY B 56 -2.88 -18.92 -8.37
C GLY B 56 -3.60 -20.27 -8.31
N SER B 57 -4.83 -20.28 -7.85
CA SER B 57 -5.62 -21.51 -7.82
C SER B 57 -6.04 -21.89 -9.23
N THR B 58 -5.99 -23.18 -9.54
CA THR B 58 -6.37 -23.63 -10.87
C THR B 58 -7.53 -24.59 -10.84
N ASN B 59 -8.14 -24.78 -11.99
CA ASN B 59 -9.24 -25.69 -12.12
C ASN B 59 -9.29 -26.05 -13.59
N TYR B 60 -9.31 -27.35 -13.87
CA TYR B 60 -9.16 -27.85 -15.22
C TYR B 60 -10.37 -28.68 -15.67
N ASN B 61 -10.67 -28.63 -16.97
CA ASN B 61 -11.67 -29.51 -17.55
C ASN B 61 -11.20 -30.95 -17.35
N PRO B 62 -12.04 -31.80 -16.73
CA PRO B 62 -11.74 -33.21 -16.51
C PRO B 62 -11.31 -33.98 -17.76
N SER B 63 -11.84 -33.61 -18.92
CA SER B 63 -11.47 -34.25 -20.18
C SER B 63 -9.97 -34.09 -20.49
N LEU B 64 -9.39 -32.98 -20.06
CA LEU B 64 -7.98 -32.71 -20.32
C LEU B 64 -7.16 -33.28 -19.17
N LYS B 65 -7.55 -34.51 -18.79
CA LYS B 65 -7.21 -35.18 -17.54
C LYS B 65 -5.90 -34.77 -16.88
N SER B 66 -4.81 -35.35 -17.35
CA SER B 66 -3.53 -35.17 -16.68
C SER B 66 -2.64 -34.29 -17.54
N ARG B 67 -3.10 -34.03 -18.75
CA ARG B 67 -2.27 -33.39 -19.77
C ARG B 67 -2.04 -31.89 -19.56
N ILE B 68 -2.88 -31.24 -18.77
CA ILE B 68 -2.88 -29.78 -18.76
C ILE B 68 -2.32 -29.19 -17.47
N SER B 69 -1.58 -28.09 -17.60
CA SER B 69 -1.24 -27.25 -16.48
C SER B 69 -1.44 -25.79 -16.86
N ILE B 70 -1.96 -24.99 -15.95
CA ILE B 70 -1.98 -23.54 -16.15
C ILE B 70 -1.18 -22.92 -15.02
N THR B 71 -0.28 -21.99 -15.38
CA THR B 71 0.60 -21.34 -14.43
C THR B 71 0.62 -19.85 -14.76
N HIS B 72 1.18 -19.03 -13.88
CA HIS B 72 1.34 -17.62 -14.18
C HIS B 72 2.68 -17.08 -13.70
N ASP B 73 3.09 -15.97 -14.29
CA ASP B 73 4.28 -15.23 -13.84
C ASP B 73 3.81 -13.84 -13.48
N THR B 74 3.60 -13.58 -12.20
CA THR B 74 2.94 -12.33 -11.81
C THR B 74 3.77 -11.09 -12.04
N SER B 75 5.08 -11.22 -11.92
CA SER B 75 5.98 -10.09 -12.18
C SER B 75 5.88 -9.65 -13.63
N LYS B 76 5.66 -10.59 -14.54
CA LYS B 76 5.50 -10.22 -15.96
C LYS B 76 4.04 -10.14 -16.44
N ASN B 77 3.09 -10.38 -15.53
CA ASN B 77 1.66 -10.32 -15.86
C ASN B 77 1.32 -11.22 -17.06
N ARG B 78 1.77 -12.47 -16.99
CA ARG B 78 1.54 -13.43 -18.04
C ARG B 78 0.99 -14.69 -17.41
N PHE B 79 0.18 -15.44 -18.14
CA PHE B 79 -0.13 -16.79 -17.67
C PHE B 79 0.03 -17.75 -18.83
N PHE B 80 0.08 -19.03 -18.53
CA PHE B 80 0.63 -20.00 -19.47
C PHE B 80 -0.25 -21.20 -19.55
N LEU B 81 -0.30 -21.79 -20.73
CA LEU B 81 -0.93 -23.08 -20.91
C LEU B 81 0.12 -24.12 -21.34
N LYS B 82 0.23 -25.19 -20.59
CA LYS B 82 1.06 -26.33 -21.01
C LYS B 82 0.14 -27.51 -21.29
N LEU B 83 0.27 -28.11 -22.47
CA LEU B 83 -0.55 -29.28 -22.79
C LEU B 83 0.36 -30.44 -23.18
N ASN B 84 0.38 -31.49 -22.37
CA ASN B 84 1.31 -32.60 -22.58
C ASN B 84 0.94 -33.47 -23.77
N SER B 85 1.98 -34.04 -24.38
CA SER B 85 1.86 -35.03 -25.44
C SER B 85 0.67 -34.78 -26.38
N VAL B 86 0.77 -33.70 -27.15
CA VAL B 86 -0.31 -33.37 -28.06
C VAL B 86 -0.39 -34.39 -29.18
N THR B 87 -1.59 -34.54 -29.73
CA THR B 87 -1.80 -35.28 -30.96
C THR B 87 -2.53 -34.36 -31.92
N SER B 88 -2.89 -34.87 -33.10
CA SER B 88 -3.53 -34.02 -34.12
C SER B 88 -4.94 -33.57 -33.70
N GLU B 89 -5.53 -34.24 -32.71
CA GLU B 89 -6.79 -33.77 -32.17
C GLU B 89 -6.64 -32.49 -31.33
N ASP B 90 -5.40 -32.03 -31.12
CA ASP B 90 -5.17 -30.80 -30.35
C ASP B 90 -5.01 -29.60 -31.31
N THR B 91 -5.06 -29.87 -32.60
CA THR B 91 -5.10 -28.82 -33.60
C THR B 91 -6.34 -27.93 -33.40
N ALA B 92 -6.11 -26.65 -33.18
CA ALA B 92 -7.18 -25.74 -32.77
C ALA B 92 -6.67 -24.31 -32.68
N THR B 93 -7.60 -23.37 -32.55
CA THR B 93 -7.24 -21.99 -32.24
C THR B 93 -7.40 -21.79 -30.73
N TYR B 94 -6.33 -21.34 -30.08
CA TYR B 94 -6.29 -21.23 -28.62
C TYR B 94 -6.50 -19.78 -28.19
N TYR B 95 -7.46 -19.58 -27.29
CA TYR B 95 -7.83 -18.26 -26.77
C TYR B 95 -7.61 -18.20 -25.28
N CYS B 96 -7.08 -17.07 -24.84
CA CYS B 96 -7.11 -16.73 -23.43
C CYS B 96 -8.20 -15.68 -23.20
N ALA B 97 -8.79 -15.71 -22.00
CA ALA B 97 -9.93 -14.85 -21.69
C ALA B 97 -9.91 -14.45 -20.21
N ARG B 98 -10.41 -13.25 -19.91
CA ARG B 98 -10.66 -12.86 -18.52
C ARG B 98 -12.11 -13.18 -18.17
N ALA B 99 -12.30 -13.75 -16.99
CA ALA B 99 -13.64 -13.92 -16.44
C ALA B 99 -13.90 -12.88 -15.37
N THR B 100 -15.07 -12.25 -15.46
CA THR B 100 -15.52 -11.40 -14.36
C THR B 100 -16.88 -11.92 -13.88
N ALA B 101 -17.49 -11.18 -12.98
CA ALA B 101 -18.72 -11.64 -12.36
C ALA B 101 -19.54 -10.45 -11.90
N SER B 102 -20.85 -10.68 -11.75
CA SER B 102 -21.77 -9.70 -11.19
C SER B 102 -22.30 -10.22 -9.86
N PHE B 103 -22.10 -9.46 -8.80
CA PHE B 103 -22.67 -9.85 -7.52
C PHE B 103 -24.04 -9.23 -7.33
N TYR B 104 -24.66 -8.83 -8.44
CA TYR B 104 -26.09 -8.48 -8.45
C TYR B 104 -26.92 -9.72 -8.78
N ASP B 105 -26.41 -10.61 -9.64
CA ASP B 105 -27.20 -11.78 -10.02
C ASP B 105 -26.40 -13.09 -9.99
N GLY B 106 -25.11 -13.00 -9.65
CA GLY B 106 -24.27 -14.19 -9.58
C GLY B 106 -23.75 -14.74 -10.90
N SER B 107 -23.84 -13.96 -11.97
CA SER B 107 -23.37 -14.41 -13.27
C SER B 107 -21.86 -14.30 -13.34
N TYR B 108 -21.29 -15.15 -14.19
CA TYR B 108 -19.85 -15.26 -14.37
C TYR B 108 -19.63 -15.44 -15.85
N TYR B 109 -18.78 -14.60 -16.42
CA TYR B 109 -18.75 -14.57 -17.89
C TYR B 109 -17.41 -14.05 -18.37
N PHE B 110 -17.10 -14.32 -19.63
CA PHE B 110 -15.79 -14.00 -20.17
C PHE B 110 -15.85 -12.65 -20.88
N ASP B 111 -15.40 -11.60 -20.21
CA ASP B 111 -15.66 -10.27 -20.73
C ASP B 111 -14.59 -9.76 -21.70
N TYR B 112 -13.38 -10.34 -21.67
CA TYR B 112 -12.30 -9.91 -22.58
C TYR B 112 -11.54 -11.11 -23.10
N TRP B 113 -11.28 -11.11 -24.41
CA TRP B 113 -10.67 -12.23 -25.11
C TRP B 113 -9.40 -11.78 -25.84
N GLY B 114 -8.38 -12.65 -25.86
CA GLY B 114 -7.31 -12.54 -26.84
C GLY B 114 -7.82 -12.73 -28.27
N GLN B 115 -6.95 -12.53 -29.27
CA GLN B 115 -7.30 -12.73 -30.69
C GLN B 115 -7.26 -14.20 -31.07
N GLY B 116 -6.66 -15.02 -30.21
CA GLY B 116 -6.51 -16.43 -30.52
C GLY B 116 -5.21 -16.68 -31.28
N THR B 117 -4.62 -17.84 -31.08
CA THR B 117 -3.45 -18.23 -31.83
C THR B 117 -3.71 -19.64 -32.36
N THR B 118 -3.48 -19.83 -33.65
CA THR B 118 -3.74 -21.12 -34.26
C THR B 118 -2.57 -22.03 -33.96
N LEU B 119 -2.89 -23.29 -33.67
CA LEU B 119 -1.91 -24.32 -33.44
C LEU B 119 -2.17 -25.52 -34.34
N THR B 120 -1.16 -25.97 -35.06
CA THR B 120 -1.28 -27.20 -35.86
C THR B 120 -0.33 -28.28 -35.34
N VAL B 121 -0.87 -29.48 -35.11
CA VAL B 121 -0.04 -30.59 -34.67
C VAL B 121 0.18 -31.51 -35.85
N SER B 122 1.44 -31.72 -36.23
CA SER B 122 1.72 -32.50 -37.43
C SER B 122 3.18 -32.88 -37.49
N SER B 123 3.47 -34.04 -38.06
CA SER B 123 4.85 -34.50 -38.20
C SER B 123 5.39 -34.28 -39.62
N ALA B 124 4.57 -33.69 -40.49
CA ALA B 124 4.99 -33.39 -41.85
C ALA B 124 6.21 -32.46 -41.87
N SER B 125 7.07 -32.63 -42.88
CA SER B 125 8.26 -31.79 -43.02
C SER B 125 7.96 -30.56 -43.86
N THR B 126 8.71 -29.49 -43.64
CA THR B 126 8.55 -28.27 -44.42
C THR B 126 8.78 -28.53 -45.90
N LYS B 127 7.90 -28.04 -46.77
CA LYS B 127 8.05 -28.25 -48.20
C LYS B 127 7.43 -27.09 -48.99
N GLY B 128 8.18 -26.56 -49.95
CA GLY B 128 7.67 -25.49 -50.79
C GLY B 128 6.67 -26.01 -51.81
N PRO B 129 5.82 -25.13 -52.35
CA PRO B 129 4.79 -25.58 -53.27
C PRO B 129 5.27 -25.70 -54.70
N SER B 130 4.69 -26.61 -55.47
CA SER B 130 4.76 -26.53 -56.94
C SER B 130 3.62 -25.61 -57.40
N VAL B 131 3.88 -24.83 -58.44
CA VAL B 131 2.90 -23.83 -58.90
C VAL B 131 2.59 -24.08 -60.36
N PHE B 132 1.34 -24.43 -60.66
CA PHE B 132 0.94 -24.81 -62.02
C PHE B 132 -0.09 -23.83 -62.60
N PRO B 133 0.01 -23.53 -63.90
CA PRO B 133 -0.95 -22.62 -64.52
C PRO B 133 -2.32 -23.25 -64.66
N LEU B 134 -3.34 -22.42 -64.47
CA LEU B 134 -4.74 -22.73 -64.72
C LEU B 134 -5.19 -21.91 -65.91
N ALA B 135 -5.27 -22.54 -67.08
CA ALA B 135 -5.53 -21.82 -68.32
C ALA B 135 -6.56 -22.59 -69.14
N PRO B 136 -7.49 -21.88 -69.82
CA PRO B 136 -8.54 -22.53 -70.61
C PRO B 136 -7.95 -23.42 -71.71
N CYS B 137 -8.64 -24.52 -72.02
CA CYS B 137 -8.23 -25.43 -73.11
C CYS B 137 -8.01 -24.69 -74.44
N SER B 138 -9.00 -23.88 -74.82
CA SER B 138 -8.94 -23.07 -76.03
C SER B 138 -8.52 -21.62 -75.72
N ARG B 139 -7.65 -21.07 -76.56
CA ARG B 139 -7.12 -19.72 -76.37
C ARG B 139 -7.97 -18.70 -77.11
N SER B 140 -9.06 -19.17 -77.70
CA SER B 140 -9.97 -18.31 -78.43
C SER B 140 -11.37 -18.64 -77.92
N THR B 141 -12.04 -17.63 -77.38
CA THR B 141 -13.36 -17.80 -76.79
C THR B 141 -14.24 -16.62 -77.16
N SER B 142 -15.53 -16.87 -77.29
CA SER B 142 -16.45 -15.82 -77.75
C SER B 142 -17.04 -15.05 -76.57
N GLU B 143 -16.85 -15.59 -75.38
CA GLU B 143 -17.36 -14.95 -74.16
C GLU B 143 -16.57 -13.68 -73.81
N SER B 144 -17.24 -12.77 -73.10
CA SER B 144 -16.69 -11.45 -72.82
C SER B 144 -15.53 -11.50 -71.80
N THR B 145 -15.66 -12.37 -70.82
CA THR B 145 -14.62 -12.50 -69.81
C THR B 145 -14.03 -13.91 -69.84
N ALA B 146 -12.87 -14.05 -69.22
CA ALA B 146 -12.20 -15.34 -69.14
C ALA B 146 -11.57 -15.45 -67.76
N ALA B 147 -11.30 -16.67 -67.32
CA ALA B 147 -10.73 -16.89 -66.00
C ALA B 147 -9.36 -17.52 -66.15
N LEU B 148 -8.43 -17.07 -65.31
CA LEU B 148 -7.07 -17.57 -65.28
C LEU B 148 -6.75 -17.89 -63.84
N GLY B 149 -5.79 -18.77 -63.62
CA GLY B 149 -5.39 -19.04 -62.27
C GLY B 149 -4.06 -19.74 -62.13
N CYS B 150 -3.70 -20.03 -60.89
CA CYS B 150 -2.62 -20.96 -60.69
C CYS B 150 -2.93 -21.88 -59.52
N LEU B 151 -2.54 -23.13 -59.70
CA LEU B 151 -2.73 -24.15 -58.72
C LEU B 151 -1.46 -24.25 -57.90
N VAL B 152 -1.61 -24.06 -56.59
CA VAL B 152 -0.48 -24.03 -55.67
C VAL B 152 -0.55 -25.31 -54.84
N LYS B 153 0.34 -26.24 -55.14
CA LYS B 153 0.11 -27.62 -54.73
C LYS B 153 1.21 -28.17 -53.84
N ASP B 154 0.82 -28.96 -52.84
CA ASP B 154 1.74 -29.80 -52.08
C ASP B 154 2.78 -29.03 -51.28
N TYR B 155 2.31 -28.12 -50.44
CA TYR B 155 3.20 -27.40 -49.56
C TYR B 155 2.89 -27.66 -48.08
N PHE B 156 3.81 -27.25 -47.23
CA PHE B 156 3.64 -27.35 -45.79
C PHE B 156 4.73 -26.51 -45.12
N PRO B 157 4.36 -25.80 -44.05
CA PRO B 157 3.01 -25.66 -43.48
C PRO B 157 2.30 -24.47 -44.08
N GLU B 158 1.09 -24.16 -43.61
CA GLU B 158 0.45 -22.91 -43.99
C GLU B 158 1.27 -21.74 -43.43
N PRO B 159 1.20 -20.56 -44.06
CA PRO B 159 0.43 -20.22 -45.26
C PRO B 159 1.27 -19.89 -46.49
N VAL B 160 0.60 -19.80 -47.63
CA VAL B 160 1.21 -19.20 -48.80
C VAL B 160 0.48 -17.89 -49.03
N THR B 161 1.17 -16.94 -49.64
CA THR B 161 0.48 -15.77 -50.15
C THR B 161 0.56 -15.79 -51.66
N VAL B 162 -0.55 -15.46 -52.32
CA VAL B 162 -0.58 -15.41 -53.77
C VAL B 162 -0.94 -13.99 -54.17
N SER B 163 -0.19 -13.43 -55.10
CA SER B 163 -0.54 -12.14 -55.62
C SER B 163 -0.57 -12.26 -57.15
N TRP B 164 -1.17 -11.28 -57.81
CA TRP B 164 -1.20 -11.26 -59.27
C TRP B 164 -0.54 -9.99 -59.79
N ASN B 165 0.29 -10.17 -60.82
CA ASN B 165 1.11 -9.10 -61.40
C ASN B 165 1.71 -8.22 -60.30
N SER B 166 2.35 -8.86 -59.33
CA SER B 166 3.07 -8.19 -58.25
C SER B 166 2.20 -7.23 -57.43
N GLY B 167 0.91 -7.54 -57.33
CA GLY B 167 -0.01 -6.72 -56.57
C GLY B 167 -0.80 -5.71 -57.39
N ALA B 168 -0.43 -5.53 -58.66
CA ALA B 168 -1.14 -4.57 -59.53
C ALA B 168 -2.57 -5.04 -59.88
N LEU B 169 -2.75 -6.35 -59.98
CA LEU B 169 -4.05 -6.93 -60.29
C LEU B 169 -4.68 -7.47 -59.02
N THR B 170 -5.80 -6.87 -58.60
CA THR B 170 -6.45 -7.27 -57.35
C THR B 170 -7.95 -7.49 -57.53
N SER B 171 -8.57 -6.73 -58.42
CA SER B 171 -10.00 -6.91 -58.63
C SER B 171 -10.26 -8.18 -59.45
N GLY B 172 -11.32 -8.90 -59.10
CA GLY B 172 -11.63 -10.15 -59.74
C GLY B 172 -10.86 -11.36 -59.23
N VAL B 173 -10.06 -11.17 -58.19
CA VAL B 173 -9.20 -12.25 -57.67
C VAL B 173 -9.90 -13.02 -56.57
N HIS B 174 -9.89 -14.35 -56.68
CA HIS B 174 -10.28 -15.21 -55.58
C HIS B 174 -9.17 -16.19 -55.25
N THR B 175 -8.69 -16.15 -54.01
CA THR B 175 -7.72 -17.13 -53.59
C THR B 175 -8.38 -18.02 -52.57
N PHE B 176 -8.55 -19.29 -52.93
CA PHE B 176 -9.35 -20.21 -52.11
C PHE B 176 -8.62 -20.70 -50.85
N PRO B 177 -9.37 -21.06 -49.80
CA PRO B 177 -8.72 -21.64 -48.61
C PRO B 177 -8.03 -22.93 -48.98
N ALA B 178 -6.85 -23.12 -48.43
CA ALA B 178 -6.10 -24.35 -48.64
C ALA B 178 -6.85 -25.58 -48.09
N VAL B 179 -6.69 -26.70 -48.77
CA VAL B 179 -7.24 -27.95 -48.31
C VAL B 179 -6.08 -28.88 -47.96
N LEU B 180 -6.19 -29.53 -46.81
CA LEU B 180 -5.20 -30.52 -46.41
C LEU B 180 -5.44 -31.82 -47.19
N GLN B 181 -4.43 -32.26 -47.94
CA GLN B 181 -4.60 -33.47 -48.73
C GLN B 181 -4.28 -34.70 -47.89
N SER B 182 -4.57 -35.87 -48.43
CA SER B 182 -4.30 -37.13 -47.75
C SER B 182 -2.84 -37.31 -47.33
N SER B 183 -1.94 -36.58 -47.99
CA SER B 183 -0.50 -36.74 -47.83
C SER B 183 0.09 -35.93 -46.67
N GLY B 184 -0.73 -35.06 -46.08
CA GLY B 184 -0.21 -34.15 -45.06
C GLY B 184 0.16 -32.79 -45.63
N LEU B 185 0.05 -32.65 -46.95
CA LEU B 185 0.41 -31.40 -47.61
C LEU B 185 -0.82 -30.63 -48.07
N TYR B 186 -0.69 -29.31 -48.16
CA TYR B 186 -1.80 -28.43 -48.51
C TYR B 186 -1.76 -28.07 -49.97
N SER B 187 -2.93 -27.74 -50.48
CA SER B 187 -3.09 -27.30 -51.86
C SER B 187 -4.18 -26.24 -51.91
N LEU B 188 -4.02 -25.28 -52.81
CA LEU B 188 -5.07 -24.32 -53.07
C LEU B 188 -4.95 -23.83 -54.50
N SER B 189 -6.02 -23.20 -54.99
CA SER B 189 -5.95 -22.42 -56.21
C SER B 189 -6.21 -20.94 -55.96
N SER B 190 -5.68 -20.11 -56.84
CA SER B 190 -6.01 -18.70 -56.89
C SER B 190 -6.43 -18.41 -58.32
N VAL B 191 -7.53 -17.68 -58.48
CA VAL B 191 -8.06 -17.43 -59.83
C VAL B 191 -8.34 -15.96 -60.02
N VAL B 192 -8.45 -15.54 -61.28
CA VAL B 192 -8.80 -14.16 -61.54
C VAL B 192 -9.64 -14.13 -62.83
N THR B 193 -10.66 -13.28 -62.85
CA THR B 193 -11.46 -12.99 -64.04
C THR B 193 -10.91 -11.77 -64.73
N VAL B 194 -10.74 -11.83 -66.05
CA VAL B 194 -10.27 -10.69 -66.82
C VAL B 194 -11.06 -10.61 -68.12
N PRO B 195 -11.00 -9.46 -68.82
CA PRO B 195 -11.66 -9.39 -70.12
C PRO B 195 -10.99 -10.34 -71.12
N SER B 196 -11.74 -10.93 -72.03
CA SER B 196 -11.16 -11.88 -72.98
C SER B 196 -10.23 -11.21 -73.97
N SER B 197 -10.61 -10.00 -74.39
CA SER B 197 -9.78 -9.19 -75.28
C SER B 197 -8.39 -8.90 -74.71
N SER B 198 -8.25 -9.00 -73.38
CA SER B 198 -6.97 -8.68 -72.72
C SER B 198 -5.94 -9.78 -72.88
N LEU B 199 -6.38 -10.96 -73.28
CA LEU B 199 -5.46 -12.09 -73.40
C LEU B 199 -4.52 -11.85 -74.59
N GLY B 200 -3.23 -12.14 -74.41
CA GLY B 200 -2.28 -11.96 -75.49
C GLY B 200 -1.91 -10.51 -75.80
N THR B 201 -2.62 -9.57 -75.20
CA THR B 201 -2.21 -8.16 -75.21
C THR B 201 -1.61 -7.81 -73.84
N LYS B 202 -2.07 -8.52 -72.81
CA LYS B 202 -1.69 -8.25 -71.43
C LYS B 202 -1.25 -9.53 -70.73
N THR B 203 -0.15 -9.45 -70.00
CA THR B 203 0.43 -10.63 -69.35
C THR B 203 -0.10 -10.78 -67.92
N TYR B 204 -0.31 -12.04 -67.51
CA TYR B 204 -0.82 -12.32 -66.18
C TYR B 204 0.12 -13.29 -65.46
N THR B 205 0.64 -12.83 -64.33
CA THR B 205 1.59 -13.63 -63.59
C THR B 205 1.13 -13.75 -62.15
N CYS B 206 1.16 -14.97 -61.63
CA CYS B 206 0.85 -15.14 -60.23
C CYS B 206 2.13 -15.32 -59.44
N ASN B 207 2.26 -14.52 -58.39
CA ASN B 207 3.43 -14.51 -57.55
C ASN B 207 3.09 -15.20 -56.26
N VAL B 208 3.78 -16.31 -56.00
CA VAL B 208 3.52 -17.14 -54.86
C VAL B 208 4.70 -17.06 -53.88
N ASP B 209 4.40 -16.88 -52.60
CA ASP B 209 5.43 -16.85 -51.55
C ASP B 209 5.12 -17.88 -50.47
N HIS B 210 6.12 -18.66 -50.08
CA HIS B 210 5.99 -19.61 -48.97
C HIS B 210 7.18 -19.45 -48.01
N LYS B 211 7.03 -18.60 -47.01
CA LYS B 211 8.13 -18.22 -46.13
C LYS B 211 8.81 -19.41 -45.42
N PRO B 212 8.03 -20.35 -44.85
CA PRO B 212 8.66 -21.52 -44.20
C PRO B 212 9.72 -22.24 -45.03
N SER B 213 9.60 -22.23 -46.36
CA SER B 213 10.61 -22.90 -47.17
C SER B 213 11.47 -21.89 -47.94
N ASN B 214 11.23 -20.60 -47.69
CA ASN B 214 11.88 -19.51 -48.42
C ASN B 214 11.69 -19.67 -49.93
N THR B 215 10.45 -19.92 -50.34
CA THR B 215 10.08 -20.05 -51.73
C THR B 215 9.44 -18.75 -52.23
N LYS B 216 9.86 -18.30 -53.41
CA LYS B 216 9.26 -17.15 -54.06
C LYS B 216 9.24 -17.48 -55.54
N VAL B 217 8.04 -17.71 -56.05
CA VAL B 217 7.88 -18.25 -57.39
C VAL B 217 6.92 -17.37 -58.19
N ASP B 218 7.29 -17.08 -59.43
CA ASP B 218 6.42 -16.40 -60.40
C ASP B 218 6.05 -17.35 -61.54
N LYS B 219 4.76 -17.44 -61.85
CA LYS B 219 4.34 -18.29 -62.95
C LYS B 219 3.48 -17.49 -63.92
N ARG B 220 3.95 -17.39 -65.16
CA ARG B 220 3.21 -16.73 -66.22
C ARG B 220 2.06 -17.64 -66.66
N VAL B 221 0.84 -17.12 -66.65
CA VAL B 221 -0.31 -17.93 -67.00
C VAL B 221 -0.76 -17.57 -68.41
N GLU B 222 -0.63 -18.54 -69.31
CA GLU B 222 -1.04 -18.35 -70.69
C GLU B 222 -1.70 -19.63 -71.14
N SER B 223 -2.71 -19.50 -72.00
CA SER B 223 -3.30 -20.67 -72.64
C SER B 223 -2.31 -21.32 -73.61
N LYS B 224 -2.00 -22.59 -73.36
CA LYS B 224 -1.11 -23.34 -74.25
C LYS B 224 -1.73 -23.49 -75.65
N ASP C 1 5.25 38.83 23.82
CA ASP C 1 5.54 37.65 24.61
C ASP C 1 4.74 37.61 25.91
N ILE C 2 4.32 36.40 26.29
CA ILE C 2 3.72 36.21 27.59
C ILE C 2 4.84 35.87 28.55
N GLN C 3 5.00 36.70 29.57
CA GLN C 3 6.02 36.42 30.58
C GLN C 3 5.41 35.55 31.66
N MET C 4 6.20 34.60 32.14
CA MET C 4 5.78 33.65 33.16
C MET C 4 6.68 33.81 34.37
N THR C 5 6.10 34.20 35.49
CA THR C 5 6.87 34.44 36.72
C THR C 5 6.62 33.35 37.75
N GLN C 6 7.71 32.73 38.19
CA GLN C 6 7.66 31.87 39.36
C GLN C 6 8.42 32.62 40.45
N THR C 7 7.66 33.20 41.38
CA THR C 7 8.21 34.07 42.42
C THR C 7 9.22 33.33 43.31
N THR C 8 8.83 32.16 43.79
CA THR C 8 9.74 31.36 44.60
C THR C 8 10.72 30.58 43.73
N SER C 9 12.01 30.84 43.92
CA SER C 9 13.02 30.15 43.13
C SER C 9 13.49 28.89 43.86
N SER C 10 13.25 28.86 45.16
CA SER C 10 13.82 27.82 46.03
C SER C 10 12.87 27.44 47.16
N LEU C 11 12.75 26.14 47.43
CA LEU C 11 11.84 25.67 48.44
C LEU C 11 12.43 24.48 49.20
N SER C 12 12.36 24.54 50.51
CA SER C 12 12.80 23.45 51.36
C SER C 12 11.62 23.02 52.23
N ALA C 13 11.32 21.71 52.22
CA ALA C 13 10.19 21.18 52.98
C ALA C 13 10.46 19.75 53.40
N SER C 14 9.75 19.27 54.42
CA SER C 14 9.99 17.96 55.04
C SER C 14 9.22 16.86 54.32
N LEU C 15 9.73 15.63 54.38
CA LEU C 15 8.96 14.49 53.85
C LEU C 15 7.58 14.50 54.52
N GLY C 16 6.54 14.26 53.72
CA GLY C 16 5.21 14.29 54.27
C GLY C 16 4.45 15.59 54.05
N ASP C 17 5.17 16.70 53.95
CA ASP C 17 4.55 18.02 53.78
C ASP C 17 3.73 18.15 52.50
N ARG C 18 2.77 19.08 52.53
CA ARG C 18 2.07 19.50 51.31
C ARG C 18 2.77 20.74 50.74
N VAL C 19 3.16 20.70 49.48
CA VAL C 19 3.95 21.78 48.86
C VAL C 19 3.14 22.51 47.79
N THR C 20 3.24 23.83 47.74
N THR C 20 3.23 23.84 47.74
CA THR C 20 2.56 24.60 46.69
CA THR C 20 2.56 24.60 46.69
C THR C 20 3.52 25.52 45.94
C THR C 20 3.55 25.47 45.94
N ILE C 21 3.51 25.39 44.62
CA ILE C 21 4.42 26.15 43.74
C ILE C 21 3.54 26.99 42.82
N SER C 22 3.80 28.30 42.77
CA SER C 22 2.90 29.18 42.03
C SER C 22 3.55 29.74 40.77
N CYS C 23 2.68 30.21 39.88
CA CYS C 23 3.08 30.72 38.58
C CYS C 23 2.11 31.84 38.24
N ARG C 24 2.63 32.97 37.77
CA ARG C 24 1.79 34.05 37.26
C ARG C 24 2.11 34.37 35.80
N ALA C 25 1.07 34.50 34.98
CA ALA C 25 1.23 34.89 33.59
C ALA C 25 1.05 36.40 33.47
N SER C 26 1.73 37.05 32.52
CA SER C 26 1.65 38.50 32.39
C SER C 26 0.34 38.93 31.73
N GLN C 27 -0.40 37.95 31.20
CA GLN C 27 -1.74 38.18 30.70
C GLN C 27 -2.53 36.89 30.78
N ASP C 28 -3.84 36.98 30.56
CA ASP C 28 -4.70 35.81 30.60
C ASP C 28 -4.18 34.76 29.64
N ILE C 29 -4.14 33.49 30.08
CA ILE C 29 -3.70 32.40 29.20
C ILE C 29 -4.73 31.28 29.12
N SER C 30 -5.95 31.53 29.56
CA SER C 30 -7.11 30.65 29.33
C SER C 30 -6.85 29.18 29.74
N ASN C 31 -6.18 28.99 30.87
CA ASN C 31 -5.91 27.67 31.44
C ASN C 31 -4.93 26.78 30.64
N TYR C 32 -4.35 27.30 29.55
CA TYR C 32 -3.32 26.56 28.83
C TYR C 32 -2.00 26.72 29.59
N LEU C 33 -1.96 26.09 30.76
CA LEU C 33 -0.75 26.08 31.55
C LEU C 33 -0.29 24.65 31.80
N ASN C 34 0.97 24.38 31.47
CA ASN C 34 1.54 23.04 31.63
C ASN C 34 2.61 23.08 32.70
N TRP C 35 2.76 21.98 33.46
CA TRP C 35 3.82 21.85 34.48
C TRP C 35 4.78 20.72 34.14
N TYR C 36 6.09 21.03 34.19
CA TYR C 36 7.15 20.05 33.95
C TYR C 36 8.04 19.88 35.20
N GLN C 37 8.56 18.67 35.37
CA GLN C 37 9.50 18.37 36.43
C GLN C 37 10.84 18.05 35.79
N GLN C 38 11.89 18.75 36.20
CA GLN C 38 13.25 18.40 35.78
C GLN C 38 14.04 17.82 36.94
N LYS C 39 14.36 16.53 36.87
CA LYS C 39 15.19 15.88 37.88
C LYS C 39 16.62 16.43 37.86
N PRO C 40 17.35 16.27 38.98
CA PRO C 40 18.76 16.73 39.02
C PRO C 40 19.65 16.07 37.96
N ASP C 41 19.33 14.85 37.52
CA ASP C 41 20.09 14.23 36.42
C ASP C 41 19.70 14.77 35.03
N GLY C 42 18.81 15.75 34.99
CA GLY C 42 18.45 16.41 33.75
C GLY C 42 17.21 15.88 33.02
N THR C 43 16.67 14.75 33.44
CA THR C 43 15.48 14.22 32.75
C THR C 43 14.25 15.06 33.07
N VAL C 44 13.51 15.37 32.01
CA VAL C 44 12.33 16.20 32.07
C VAL C 44 11.11 15.34 31.89
N LYS C 45 10.05 15.57 32.67
CA LYS C 45 8.78 14.94 32.33
C LYS C 45 7.60 15.89 32.54
N LEU C 46 6.57 15.71 31.72
CA LEU C 46 5.30 16.40 31.89
C LEU C 46 4.57 15.90 33.12
N LEU C 47 4.10 16.82 33.95
CA LEU C 47 3.27 16.47 35.10
C LEU C 47 1.79 16.73 34.83
N ILE C 48 1.50 17.97 34.46
CA ILE C 48 0.11 18.45 34.35
C ILE C 48 -0.03 19.27 33.09
N TYR C 49 -1.13 19.08 32.36
CA TYR C 49 -1.39 19.94 31.21
C TYR C 49 -2.78 20.55 31.37
N TYR C 50 -3.02 21.63 30.65
CA TYR C 50 -4.30 22.35 30.76
C TYR C 50 -4.70 22.59 32.21
N THR C 51 -3.75 23.12 32.99
CA THR C 51 -3.94 23.56 34.38
C THR C 51 -4.10 22.45 35.45
N SER C 52 -4.86 21.40 35.15
CA SER C 52 -5.21 20.42 36.17
C SER C 52 -5.21 18.98 35.69
N ARG C 53 -5.01 18.76 34.40
CA ARG C 53 -5.11 17.41 33.86
C ARG C 53 -3.80 16.67 34.14
N LEU C 54 -3.91 15.55 34.84
CA LEU C 54 -2.76 14.73 35.21
C LEU C 54 -2.31 13.88 34.03
N HIS C 55 -1.05 14.00 33.62
CA HIS C 55 -0.56 13.17 32.55
C HIS C 55 -0.52 11.72 33.02
N SER C 56 -0.97 10.80 32.17
CA SER C 56 -1.01 9.37 32.52
C SER C 56 0.33 8.86 33.10
N GLY C 57 0.24 8.11 34.20
CA GLY C 57 1.43 7.61 34.87
C GLY C 57 2.12 8.57 35.83
N VAL C 58 1.58 9.78 35.98
CA VAL C 58 2.11 10.72 36.98
C VAL C 58 1.35 10.50 38.30
N PRO C 59 2.07 10.47 39.44
CA PRO C 59 1.40 10.18 40.72
C PRO C 59 0.28 11.19 41.04
N SER C 60 -0.85 10.72 41.58
CA SER C 60 -1.96 11.65 41.85
C SER C 60 -1.67 12.52 43.07
N ARG C 61 -0.47 12.39 43.62
CA ARG C 61 0.00 13.34 44.64
C ARG C 61 0.20 14.72 44.01
N PHE C 62 0.40 14.75 42.69
CA PHE C 62 0.48 16.00 41.95
C PHE C 62 -0.91 16.46 41.49
N SER C 63 -1.21 17.73 41.71
CA SER C 63 -2.44 18.35 41.22
C SER C 63 -2.17 19.80 40.86
N GLY C 64 -3.03 20.38 40.03
CA GLY C 64 -2.85 21.75 39.60
C GLY C 64 -4.17 22.48 39.61
N SER C 65 -4.11 23.80 39.74
CA SER C 65 -5.31 24.62 39.85
C SER C 65 -5.01 26.00 39.31
N GLY C 66 -6.06 26.78 39.09
CA GLY C 66 -5.90 28.16 38.67
C GLY C 66 -6.74 28.53 37.48
N SER C 67 -6.66 29.81 37.10
CA SER C 67 -7.40 30.38 35.99
C SER C 67 -6.86 31.79 35.76
N GLY C 68 -7.19 32.40 34.64
CA GLY C 68 -6.71 33.73 34.33
C GLY C 68 -5.20 33.77 34.22
N THR C 69 -4.56 34.57 35.09
CA THR C 69 -3.11 34.70 35.07
C THR C 69 -2.41 33.98 36.24
N ASP C 70 -3.18 33.35 37.11
CA ASP C 70 -2.60 32.81 38.35
C ASP C 70 -2.83 31.31 38.48
N TYR C 71 -1.74 30.57 38.66
CA TYR C 71 -1.81 29.11 38.68
C TYR C 71 -0.89 28.55 39.74
N SER C 72 -1.17 27.32 40.16
CA SER C 72 -0.29 26.71 41.13
C SER C 72 -0.26 25.19 40.93
N LEU C 73 0.84 24.61 41.37
CA LEU C 73 1.05 23.17 41.33
C LEU C 73 1.15 22.70 42.77
N THR C 74 0.48 21.59 43.08
CA THR C 74 0.49 21.08 44.45
C THR C 74 1.03 19.66 44.53
N ILE C 75 1.93 19.43 45.48
CA ILE C 75 2.36 18.09 45.84
C ILE C 75 1.80 17.79 47.21
N SER C 76 0.93 16.79 47.31
CA SER C 76 0.07 16.59 48.47
C SER C 76 0.83 16.02 49.66
N SER C 77 1.89 15.27 49.36
CA SER C 77 2.62 14.54 50.39
C SER C 77 4.07 14.28 49.99
N LEU C 78 4.93 15.26 50.22
CA LEU C 78 6.27 15.28 49.66
C LEU C 78 7.03 13.96 49.90
N GLU C 79 7.58 13.39 48.83
CA GLU C 79 8.43 12.20 48.97
C GLU C 79 9.84 12.47 48.42
N GLN C 80 10.75 11.57 48.74
CA GLN C 80 12.16 11.68 48.37
C GLN C 80 12.40 11.97 46.87
N GLU C 81 11.68 11.26 46.02
CA GLU C 81 11.93 11.33 44.59
C GLU C 81 11.34 12.59 43.93
N ASP C 82 10.78 13.50 44.74
CA ASP C 82 10.19 14.74 44.23
C ASP C 82 11.20 15.91 44.22
N VAL C 83 12.38 15.70 44.78
CA VAL C 83 13.47 16.65 44.65
C VAL C 83 13.78 16.82 43.17
N ALA C 84 13.65 18.06 42.68
CA ALA C 84 13.58 18.35 41.25
C ALA C 84 13.41 19.84 41.13
N THR C 85 13.49 20.34 39.91
CA THR C 85 13.13 21.73 39.67
C THR C 85 11.85 21.69 38.83
N TYR C 86 10.90 22.55 39.18
CA TYR C 86 9.56 22.52 38.58
C TYR C 86 9.33 23.77 37.74
N PHE C 87 8.88 23.57 36.50
CA PHE C 87 8.70 24.68 35.56
C PHE C 87 7.26 24.75 35.09
N CYS C 88 6.67 25.94 35.05
CA CYS C 88 5.39 26.11 34.37
C CYS C 88 5.63 26.54 32.94
N GLN C 89 4.60 26.45 32.11
CA GLN C 89 4.74 26.80 30.70
C GLN C 89 3.37 27.14 30.15
N GLN C 90 3.25 28.33 29.57
CA GLN C 90 2.00 28.73 28.91
C GLN C 90 2.01 28.16 27.49
N GLY C 91 0.86 27.62 27.09
CA GLY C 91 0.67 27.05 25.76
C GLY C 91 -0.55 27.68 25.11
N ASN C 92 -0.74 28.97 25.36
CA ASN C 92 -1.85 29.73 24.80
C ASN C 92 -1.48 30.31 23.44
N THR C 93 -0.30 30.94 23.38
CA THR C 93 0.17 31.66 22.21
C THR C 93 1.67 31.44 21.94
N LEU C 94 2.07 31.47 20.67
CA LEU C 94 3.48 31.51 20.29
C LEU C 94 4.11 32.87 20.63
N PRO C 95 5.39 32.87 21.07
CA PRO C 95 6.20 31.69 21.34
C PRO C 95 5.85 31.09 22.69
N PHE C 96 6.00 29.79 22.83
CA PHE C 96 5.80 29.17 24.12
C PHE C 96 6.83 29.75 25.08
N THR C 97 6.41 30.05 26.30
CA THR C 97 7.32 30.61 27.29
C THR C 97 7.19 29.83 28.61
N PHE C 98 8.29 29.76 29.35
CA PHE C 98 8.39 28.98 30.59
C PHE C 98 8.67 29.88 31.78
N GLY C 99 8.20 29.48 32.95
CA GLY C 99 8.66 30.09 34.18
C GLY C 99 10.15 29.88 34.46
N SER C 100 10.67 30.63 35.42
CA SER C 100 12.09 30.58 35.80
C SER C 100 12.44 29.34 36.63
N GLY C 101 11.42 28.62 37.09
CA GLY C 101 11.65 27.40 37.82
C GLY C 101 11.62 27.54 39.32
N THR C 102 11.25 26.46 39.99
CA THR C 102 11.28 26.41 41.44
C THR C 102 12.00 25.15 41.85
N LYS C 103 13.14 25.31 42.51
CA LYS C 103 13.93 24.16 42.96
C LYS C 103 13.43 23.66 44.32
N LEU C 104 13.12 22.37 44.38
CA LEU C 104 12.55 21.79 45.59
C LEU C 104 13.53 20.82 46.27
N GLU C 105 13.81 21.06 47.55
CA GLU C 105 14.74 20.25 48.31
C GLU C 105 14.09 19.73 49.60
N ILE C 106 14.62 18.63 50.14
CA ILE C 106 14.10 18.04 51.36
C ILE C 106 14.74 18.69 52.58
N LYS C 107 13.90 19.13 53.51
CA LYS C 107 14.37 19.58 54.82
C LYS C 107 14.45 18.41 55.79
N ARG C 108 15.60 18.24 56.43
CA ARG C 108 15.79 17.11 57.33
C ARG C 108 16.54 17.58 58.56
N THR C 109 16.77 16.66 59.49
CA THR C 109 17.50 16.96 60.71
C THR C 109 18.99 17.21 60.44
N VAL C 110 19.62 17.91 61.38
CA VAL C 110 21.06 18.14 61.36
C VAL C 110 21.87 16.85 61.25
N ALA C 111 22.92 16.87 60.44
CA ALA C 111 23.92 15.81 60.47
C ALA C 111 25.30 16.44 60.37
N ALA C 112 26.21 15.98 61.22
CA ALA C 112 27.58 16.47 61.18
C ALA C 112 28.36 15.82 60.05
N PRO C 113 29.26 16.58 59.40
CA PRO C 113 30.08 15.97 58.36
C PRO C 113 31.15 15.06 58.96
N SER C 114 31.48 13.98 58.25
CA SER C 114 32.71 13.24 58.53
C SER C 114 33.79 13.85 57.65
N VAL C 115 34.96 14.12 58.21
CA VAL C 115 35.99 14.85 57.48
C VAL C 115 37.19 13.96 57.13
N PHE C 116 37.72 14.15 55.92
CA PHE C 116 38.87 13.40 55.44
C PHE C 116 39.82 14.35 54.73
N ILE C 117 41.13 14.12 54.84
CA ILE C 117 42.09 14.91 54.10
C ILE C 117 42.97 13.99 53.25
N PHE C 118 43.26 14.40 52.03
CA PHE C 118 44.14 13.63 51.15
C PHE C 118 45.32 14.46 50.69
N PRO C 119 46.54 13.90 50.80
CA PRO C 119 47.75 14.52 50.25
C PRO C 119 47.82 14.36 48.72
N PRO C 120 48.59 15.25 48.05
CA PRO C 120 48.87 15.01 46.63
C PRO C 120 49.46 13.62 46.44
N SER C 121 49.12 12.95 45.34
CA SER C 121 49.70 11.65 45.04
C SER C 121 51.10 11.89 44.49
N ASP C 122 51.99 10.92 44.64
CA ASP C 122 53.33 11.06 44.09
C ASP C 122 53.26 11.11 42.57
N GLU C 123 52.18 10.54 42.02
CA GLU C 123 51.91 10.63 40.59
C GLU C 123 51.70 12.09 40.17
N GLN C 124 50.87 12.81 40.93
CA GLN C 124 50.60 14.21 40.61
C GLN C 124 51.86 15.07 40.81
N LEU C 125 52.67 14.71 41.79
CA LEU C 125 53.88 15.45 42.10
C LEU C 125 54.86 15.45 40.94
N LYS C 126 54.95 14.32 40.23
CA LYS C 126 55.81 14.22 39.06
C LYS C 126 55.46 15.27 38.01
N SER C 127 54.16 15.48 37.82
CA SER C 127 53.69 16.38 36.77
C SER C 127 53.82 17.85 37.20
N GLY C 128 54.55 18.10 38.28
CA GLY C 128 54.88 19.47 38.67
C GLY C 128 53.86 20.28 39.46
N THR C 129 52.68 19.74 39.71
CA THR C 129 51.66 20.45 40.49
C THR C 129 51.21 19.67 41.73
N ALA C 130 50.64 20.38 42.71
CA ALA C 130 50.16 19.73 43.93
C ALA C 130 48.77 20.19 44.34
N SER C 131 47.87 19.23 44.53
CA SER C 131 46.53 19.50 45.02
C SER C 131 46.28 18.76 46.34
N VAL C 132 45.82 19.49 47.35
CA VAL C 132 45.47 18.87 48.62
C VAL C 132 43.96 18.93 48.71
N VAL C 133 43.31 17.83 49.08
CA VAL C 133 41.85 17.85 49.07
C VAL C 133 41.27 17.48 50.44
N CYS C 134 40.30 18.27 50.87
CA CYS C 134 39.57 18.05 52.10
C CYS C 134 38.13 17.65 51.76
N LEU C 135 37.67 16.51 52.27
CA LEU C 135 36.31 16.02 52.02
C LEU C 135 35.44 16.09 53.26
N LEU C 136 34.29 16.74 53.13
CA LEU C 136 33.24 16.75 54.15
C LEU C 136 32.09 15.89 53.65
N ASN C 137 31.83 14.81 54.35
CA ASN C 137 30.92 13.81 53.85
C ASN C 137 29.58 13.84 54.61
N ASN C 138 28.50 13.79 53.83
CA ASN C 138 27.14 13.51 54.30
C ASN C 138 26.71 14.40 55.46
N PHE C 139 26.50 15.68 55.19
CA PHE C 139 26.10 16.61 56.24
C PHE C 139 24.86 17.39 55.84
N TYR C 140 24.21 17.97 56.84
CA TYR C 140 23.04 18.83 56.64
C TYR C 140 22.91 19.80 57.80
N PRO C 141 22.65 21.09 57.52
CA PRO C 141 22.40 21.69 56.19
C PRO C 141 23.68 22.01 55.42
N ARG C 142 23.53 22.55 54.22
CA ARG C 142 24.63 22.70 53.27
C ARG C 142 25.73 23.66 53.73
N GLU C 143 25.35 24.61 54.57
CA GLU C 143 26.30 25.62 55.04
C GLU C 143 27.41 24.98 55.88
N ALA C 144 28.64 25.18 55.43
CA ALA C 144 29.80 24.68 56.14
C ALA C 144 30.99 25.58 55.83
N LYS C 145 31.82 25.81 56.84
CA LYS C 145 33.01 26.62 56.67
C LYS C 145 34.24 25.72 56.73
N VAL C 146 35.07 25.79 55.70
CA VAL C 146 36.33 25.05 55.63
C VAL C 146 37.51 26.01 55.54
N GLN C 147 38.42 25.91 56.51
CA GLN C 147 39.60 26.76 56.55
C GLN C 147 40.85 25.93 56.33
N TRP C 148 41.70 26.33 55.39
CA TRP C 148 42.98 25.66 55.22
C TRP C 148 44.06 26.35 56.06
N LYS C 149 44.81 25.55 56.82
CA LYS C 149 45.97 26.06 57.56
C LYS C 149 47.24 25.37 57.07
N VAL C 150 48.20 26.14 56.58
CA VAL C 150 49.50 25.58 56.20
C VAL C 150 50.57 26.06 57.19
N ASP C 151 51.22 25.12 57.87
CA ASP C 151 52.10 25.42 59.01
C ASP C 151 51.41 26.37 59.99
N ASN C 152 50.16 26.05 60.30
CA ASN C 152 49.30 26.84 61.19
C ASN C 152 49.02 28.27 60.70
N ALA C 153 49.34 28.56 59.44
CA ALA C 153 48.96 29.84 58.86
C ALA C 153 47.71 29.69 57.97
N LEU C 154 46.65 30.41 58.32
CA LEU C 154 45.36 30.36 57.63
C LEU C 154 45.42 30.89 56.20
N GLN C 155 45.10 30.02 55.24
CA GLN C 155 45.23 30.33 53.82
C GLN C 155 44.04 31.13 53.27
N SER C 156 44.24 31.74 52.11
CA SER C 156 43.17 32.45 51.42
C SER C 156 43.51 32.66 49.96
N GLY C 157 42.50 32.45 49.11
CA GLY C 157 42.64 32.70 47.68
C GLY C 157 43.23 31.58 46.85
N ASN C 158 43.63 30.50 47.51
CA ASN C 158 44.25 29.37 46.80
C ASN C 158 43.41 28.09 46.92
N SER C 159 42.15 28.25 47.33
CA SER C 159 41.29 27.12 47.64
C SER C 159 39.93 27.24 46.91
N GLN C 160 39.34 26.10 46.55
CA GLN C 160 38.08 26.10 45.84
C GLN C 160 37.15 24.99 46.35
N GLU C 161 35.88 25.33 46.52
CA GLU C 161 34.92 24.36 47.01
C GLU C 161 34.00 23.85 45.90
N SER C 162 33.47 22.65 46.12
CA SER C 162 32.51 22.05 45.23
C SER C 162 31.54 21.26 46.09
N VAL C 163 30.24 21.41 45.83
CA VAL C 163 29.20 20.80 46.65
C VAL C 163 28.31 19.94 45.78
N THR C 164 28.03 18.72 46.22
CA THR C 164 27.13 17.84 45.49
C THR C 164 25.70 18.34 45.65
N GLU C 165 24.83 17.89 44.77
CA GLU C 165 23.39 18.11 44.96
C GLU C 165 22.93 17.22 46.10
N GLN C 166 21.72 17.45 46.57
CA GLN C 166 21.23 16.69 47.71
C GLN C 166 21.18 15.19 47.43
N ASP C 167 21.73 14.39 48.34
CA ASP C 167 21.80 12.96 48.11
C ASP C 167 20.39 12.38 48.01
N SER C 168 20.20 11.47 47.06
CA SER C 168 18.89 10.86 46.82
C SER C 168 18.42 9.97 47.95
N LYS C 169 19.35 9.48 48.75
CA LYS C 169 19.02 8.51 49.79
C LYS C 169 18.84 9.12 51.19
N ASP C 170 19.80 9.94 51.66
CA ASP C 170 19.72 10.47 53.02
C ASP C 170 19.49 11.98 53.05
N SER C 171 19.33 12.57 51.87
CA SER C 171 19.08 14.00 51.71
C SER C 171 20.19 14.88 52.30
N THR C 172 21.42 14.37 52.32
CA THR C 172 22.54 15.13 52.85
C THR C 172 23.36 15.70 51.71
N TYR C 173 24.32 16.54 52.06
CA TYR C 173 25.26 17.09 51.08
C TYR C 173 26.67 16.60 51.35
N SER C 174 27.52 16.66 50.34
CA SER C 174 28.93 16.44 50.56
C SER C 174 29.68 17.57 49.87
N LEU C 175 30.91 17.82 50.31
CA LEU C 175 31.65 18.98 49.89
C LEU C 175 33.13 18.64 49.82
N SER C 176 33.78 19.05 48.73
N SER C 176 33.73 19.02 48.70
CA SER C 176 35.22 18.86 48.57
CA SER C 176 35.18 18.93 48.54
C SER C 176 35.94 20.19 48.36
C SER C 176 35.75 20.33 48.58
N SER C 177 36.90 20.48 49.24
CA SER C 177 37.66 21.72 49.19
C SER C 177 39.07 21.40 48.71
N THR C 178 39.53 22.07 47.64
CA THR C 178 40.79 21.72 47.00
C THR C 178 41.81 22.86 47.08
N LEU C 179 42.83 22.65 47.91
CA LEU C 179 43.95 23.56 48.02
C LEU C 179 44.92 23.34 46.85
N THR C 180 45.17 24.39 46.08
CA THR C 180 46.02 24.27 44.90
C THR C 180 47.36 25.02 45.07
N LEU C 181 48.46 24.28 44.98
CA LEU C 181 49.81 24.84 45.06
C LEU C 181 50.71 24.26 43.97
N SER C 182 51.81 24.96 43.67
CA SER C 182 52.84 24.42 42.79
C SER C 182 53.61 23.34 43.56
N LYS C 183 54.27 22.44 42.84
CA LYS C 183 55.03 21.37 43.51
C LYS C 183 56.08 21.94 44.45
N ALA C 184 56.83 22.93 43.96
CA ALA C 184 57.91 23.53 44.74
C ALA C 184 57.38 24.19 46.00
N ASP C 185 56.22 24.85 45.91
CA ASP C 185 55.65 25.55 47.06
C ASP C 185 55.06 24.56 48.06
N TYR C 186 54.60 23.41 47.56
CA TYR C 186 54.11 22.34 48.41
C TYR C 186 55.24 21.82 49.30
N GLU C 187 56.46 21.76 48.76
CA GLU C 187 57.63 21.31 49.50
C GLU C 187 58.08 22.28 50.60
N LYS C 188 57.86 23.57 50.41
CA LYS C 188 58.28 24.58 51.40
C LYS C 188 57.49 24.55 52.71
N HIS C 189 56.80 23.45 52.98
CA HIS C 189 55.96 23.33 54.17
C HIS C 189 55.87 21.89 54.65
N LYS C 190 55.37 21.71 55.88
CA LYS C 190 55.29 20.37 56.48
C LYS C 190 53.85 19.96 56.81
N VAL C 191 53.17 20.79 57.57
CA VAL C 191 51.89 20.46 58.17
C VAL C 191 50.71 21.04 57.34
N TYR C 192 49.86 20.16 56.82
CA TYR C 192 48.68 20.59 56.07
C TYR C 192 47.42 20.15 56.80
N ALA C 193 46.51 21.10 57.03
CA ALA C 193 45.32 20.81 57.81
C ALA C 193 44.09 21.51 57.24
N CYS C 194 42.92 20.88 57.35
CA CYS C 194 41.68 21.60 57.12
C CYS C 194 40.81 21.57 58.36
N GLU C 195 40.30 22.75 58.70
CA GLU C 195 39.43 22.90 59.86
C GLU C 195 38.00 23.12 59.37
N VAL C 196 37.08 22.39 59.97
CA VAL C 196 35.69 22.35 59.54
C VAL C 196 34.74 22.72 60.67
N THR C 197 33.90 23.71 60.42
CA THR C 197 32.88 24.11 61.40
C THR C 197 31.50 23.91 60.80
N HIS C 198 30.60 23.38 61.61
CA HIS C 198 29.27 23.01 61.16
C HIS C 198 28.29 22.93 62.32
N GLN C 199 27.04 23.28 62.05
CA GLN C 199 25.94 23.22 63.04
C GLN C 199 25.92 21.96 63.89
N GLY C 200 26.23 20.82 63.27
CA GLY C 200 26.21 19.54 63.94
C GLY C 200 27.48 19.19 64.69
N LEU C 201 28.44 20.10 64.68
CA LEU C 201 29.70 19.89 65.39
C LEU C 201 29.74 20.74 66.64
N SER C 202 29.90 20.10 67.80
CA SER C 202 30.11 20.80 69.07
C SER C 202 31.15 21.90 68.93
N SER C 203 32.24 21.54 68.26
CA SER C 203 33.37 22.43 68.06
C SER C 203 34.08 22.03 66.76
N PRO C 204 34.82 22.97 66.14
CA PRO C 204 35.58 22.72 64.93
C PRO C 204 36.31 21.36 64.89
N VAL C 205 36.33 20.74 63.71
CA VAL C 205 37.03 19.49 63.52
C VAL C 205 38.19 19.72 62.56
N THR C 206 39.34 19.16 62.91
CA THR C 206 40.55 19.37 62.12
C THR C 206 41.19 18.06 61.70
N LYS C 207 41.49 17.95 60.40
CA LYS C 207 42.21 16.82 59.87
C LYS C 207 43.50 17.30 59.24
N SER C 208 44.58 16.58 59.48
CA SER C 208 45.90 17.02 59.03
C SER C 208 46.83 15.86 58.70
N PHE C 209 47.88 16.17 57.95
CA PHE C 209 48.96 15.23 57.72
C PHE C 209 50.31 15.97 57.68
N ASN C 210 51.39 15.23 57.91
CA ASN C 210 52.72 15.77 57.73
C ASN C 210 53.26 15.29 56.39
N ARG C 211 53.81 16.22 55.61
CA ARG C 211 54.26 15.92 54.25
C ARG C 211 55.22 14.72 54.15
N GLY C 212 56.14 14.60 55.11
CA GLY C 212 57.14 13.55 55.07
C GLY C 212 56.80 12.25 55.77
N GLU C 213 55.52 11.93 55.85
CA GLU C 213 55.09 10.72 56.56
C GLU C 213 54.11 9.86 55.76
N CYS C 214 53.94 10.19 54.49
CA CYS C 214 53.06 9.40 53.62
C CYS C 214 53.86 8.34 52.87
N ASP D 1 7.28 2.18 23.26
CA ASP D 1 6.93 3.56 23.56
C ASP D 1 7.89 4.51 22.86
N VAL D 2 7.49 5.77 22.69
CA VAL D 2 8.34 6.70 21.97
C VAL D 2 9.52 7.12 22.85
N GLN D 3 10.68 7.27 22.22
CA GLN D 3 11.88 7.75 22.87
C GLN D 3 12.60 8.71 21.95
N LEU D 4 13.11 9.79 22.52
CA LEU D 4 13.87 10.74 21.72
C LEU D 4 15.26 10.81 22.30
N GLN D 5 16.30 10.72 21.47
CA GLN D 5 17.59 11.09 22.04
C GLN D 5 18.41 11.96 21.10
N GLU D 6 18.98 12.98 21.72
CA GLU D 6 19.79 13.97 21.07
C GLU D 6 21.16 13.39 20.81
N SER D 7 21.80 13.89 19.76
CA SER D 7 23.22 13.66 19.53
C SER D 7 23.76 14.86 18.79
N GLY D 8 25.08 14.91 18.61
CA GLY D 8 25.73 16.01 17.93
C GLY D 8 26.90 16.53 18.75
N PRO D 9 27.83 17.24 18.11
CA PRO D 9 29.04 17.71 18.78
C PRO D 9 28.74 18.62 19.97
N GLY D 10 29.37 18.33 21.10
CA GLY D 10 29.18 19.10 22.31
C GLY D 10 29.92 20.43 22.32
N LEU D 11 30.95 20.53 21.48
CA LEU D 11 31.79 21.72 21.43
C LEU D 11 31.76 22.38 20.06
N VAL D 12 31.53 23.69 20.04
CA VAL D 12 31.44 24.40 18.77
C VAL D 12 32.20 25.71 18.87
N LYS D 13 32.94 26.05 17.83
CA LYS D 13 33.76 27.26 17.82
C LYS D 13 32.88 28.48 17.58
N PRO D 14 33.27 29.64 18.15
CA PRO D 14 32.48 30.86 17.97
C PRO D 14 32.28 31.22 16.50
N SER D 15 31.13 31.82 16.20
CA SER D 15 30.74 32.29 14.87
C SER D 15 30.34 31.14 13.92
N GLN D 16 30.81 29.93 14.19
CA GLN D 16 30.42 28.76 13.41
C GLN D 16 29.05 28.25 13.87
N SER D 17 28.61 27.12 13.32
CA SER D 17 27.21 26.72 13.52
C SER D 17 27.06 25.46 14.36
N LEU D 18 26.01 25.46 15.20
CA LEU D 18 25.62 24.29 15.98
C LEU D 18 24.66 23.40 15.18
N SER D 19 24.90 22.10 15.19
CA SER D 19 23.99 21.16 14.54
C SER D 19 23.72 19.95 15.44
N LEU D 20 22.46 19.81 15.84
CA LEU D 20 22.08 18.73 16.74
C LEU D 20 21.06 17.85 16.05
N THR D 21 21.02 16.59 16.46
CA THR D 21 20.17 15.58 15.87
C THR D 21 19.31 14.99 16.96
N CYS D 22 18.02 14.85 16.69
CA CYS D 22 17.14 14.12 17.59
C CYS D 22 16.65 12.88 16.84
N THR D 23 16.94 11.72 17.39
CA THR D 23 16.53 10.48 16.75
C THR D 23 15.34 9.97 17.53
N VAL D 24 14.25 9.72 16.81
CA VAL D 24 13.02 9.26 17.41
C VAL D 24 12.85 7.77 17.15
N THR D 25 12.55 7.02 18.20
CA THR D 25 12.19 5.62 18.03
C THR D 25 10.80 5.37 18.63
N GLY D 26 10.05 4.45 18.03
CA GLY D 26 8.73 4.09 18.51
C GLY D 26 7.55 4.80 17.87
N TYR D 27 7.83 5.81 17.04
CA TYR D 27 6.78 6.49 16.28
C TYR D 27 7.37 7.27 15.11
N SER D 28 6.69 7.26 13.98
CA SER D 28 7.18 7.97 12.79
C SER D 28 7.04 9.48 12.94
N ILE D 29 8.10 10.23 12.60
CA ILE D 29 8.05 11.68 12.74
C ILE D 29 7.20 12.32 11.64
N THR D 30 6.66 11.52 10.73
CA THR D 30 5.89 12.07 9.62
C THR D 30 4.38 11.93 9.85
N SER D 31 3.99 11.72 11.09
CA SER D 31 2.57 11.58 11.39
C SER D 31 2.19 12.26 12.69
N THR D 32 1.12 13.06 12.65
CA THR D 32 0.35 13.48 13.82
C THR D 32 0.98 14.57 14.71
N TYR D 33 2.26 14.43 15.07
CA TYR D 33 2.83 15.30 16.10
C TYR D 33 3.70 16.44 15.58
N ASP D 34 4.04 17.38 16.46
CA ASP D 34 5.07 18.36 16.14
C ASP D 34 6.30 18.07 16.99
N TRP D 35 7.47 18.46 16.48
CA TRP D 35 8.75 18.10 17.07
C TRP D 35 9.53 19.35 17.36
N HIS D 36 9.89 19.53 18.64
CA HIS D 36 10.36 20.80 19.16
C HIS D 36 11.81 20.75 19.65
N TRP D 37 12.46 21.90 19.60
CA TRP D 37 13.73 22.11 20.29
C TRP D 37 13.53 23.16 21.37
N ILE D 38 14.08 22.89 22.55
CA ILE D 38 13.98 23.77 23.71
C ILE D 38 15.36 23.84 24.39
N ARG D 39 15.81 25.02 24.80
CA ARG D 39 17.11 25.07 25.46
C ARG D 39 17.04 25.67 26.86
N HIS D 40 17.99 25.25 27.71
CA HIS D 40 17.98 25.57 29.13
C HIS D 40 19.34 26.19 29.46
N PHE D 41 19.33 27.48 29.79
CA PHE D 41 20.53 28.23 30.15
C PHE D 41 20.86 28.06 31.64
N PRO D 42 22.11 28.38 32.03
CA PRO D 42 22.41 28.44 33.48
C PRO D 42 21.51 29.46 34.17
N GLY D 43 21.09 29.16 35.40
CA GLY D 43 20.15 30.03 36.08
C GLY D 43 18.71 29.69 35.75
N ASN D 44 18.50 28.46 35.28
CA ASN D 44 17.16 27.93 35.01
C ASN D 44 16.30 28.80 34.10
N ILE D 45 16.93 29.46 33.12
CA ILE D 45 16.17 30.20 32.12
C ILE D 45 15.93 29.28 30.93
N LEU D 46 14.65 29.05 30.62
CA LEU D 46 14.27 28.17 29.51
C LEU D 46 13.76 28.94 28.31
N GLU D 47 14.07 28.45 27.10
CA GLU D 47 13.67 29.12 25.87
C GLU D 47 13.16 28.13 24.82
N TRP D 48 11.92 28.28 24.43
CA TRP D 48 11.39 27.51 23.30
C TRP D 48 12.08 28.01 22.05
N MET D 49 12.60 27.11 21.22
CA MET D 49 13.33 27.52 20.03
C MET D 49 12.50 27.43 18.76
N GLY D 50 11.77 26.34 18.57
CA GLY D 50 10.97 26.19 17.38
C GLY D 50 10.49 24.78 17.21
N TYR D 51 9.69 24.53 16.16
CA TYR D 51 9.27 23.18 15.89
C TYR D 51 9.27 22.88 14.41
N ILE D 52 9.29 21.58 14.08
CA ILE D 52 8.96 21.14 12.75
C ILE D 52 7.84 20.13 12.89
N SER D 53 6.82 20.30 12.06
CA SER D 53 5.62 19.49 12.18
C SER D 53 5.80 18.18 11.43
N TYR D 54 4.83 17.28 11.61
CA TYR D 54 4.83 16.02 10.87
C TYR D 54 4.85 16.23 9.34
N SER D 55 4.40 17.40 8.89
CA SER D 55 4.35 17.68 7.44
C SER D 55 5.58 18.42 6.94
N GLY D 56 6.41 18.88 7.86
CA GLY D 56 7.63 19.57 7.47
C GLY D 56 7.56 21.08 7.62
N SER D 57 6.39 21.59 7.96
CA SER D 57 6.22 23.01 8.24
C SER D 57 7.04 23.39 9.47
N THR D 58 7.51 24.64 9.54
CA THR D 58 8.26 25.08 10.72
C THR D 58 7.66 26.33 11.32
N ASN D 59 7.97 26.54 12.61
CA ASN D 59 7.67 27.78 13.30
C ASN D 59 8.80 28.00 14.34
N TYR D 60 9.25 29.25 14.45
CA TYR D 60 10.42 29.58 15.27
C TYR D 60 10.10 30.70 16.25
N ASN D 61 10.85 30.74 17.34
CA ASN D 61 10.85 31.90 18.23
C ASN D 61 11.38 33.09 17.44
N PRO D 62 10.67 34.22 17.48
CA PRO D 62 11.11 35.38 16.71
C PRO D 62 12.53 35.85 17.07
N SER D 63 13.00 35.60 18.29
CA SER D 63 14.37 36.03 18.66
C SER D 63 15.46 35.17 18.00
N LEU D 64 15.06 34.07 17.37
CA LEU D 64 16.03 33.20 16.71
C LEU D 64 15.82 33.10 15.20
N LYS D 65 14.76 33.71 14.69
CA LYS D 65 14.41 33.57 13.26
C LYS D 65 15.54 33.97 12.29
N SER D 66 16.35 34.95 12.69
CA SER D 66 17.47 35.38 11.83
C SER D 66 18.54 34.33 11.63
N ARG D 67 18.59 33.30 12.48
CA ARG D 67 19.69 32.33 12.37
C ARG D 67 19.36 30.88 12.71
N ILE D 68 18.08 30.55 12.84
CA ILE D 68 17.74 29.17 13.19
C ILE D 68 17.19 28.40 12.00
N SER D 69 17.37 27.08 12.04
CA SER D 69 16.68 26.23 11.07
C SER D 69 16.41 24.85 11.66
N ILE D 70 15.22 24.32 11.39
CA ILE D 70 14.87 22.98 11.83
C ILE D 70 14.49 22.16 10.62
N THR D 71 15.08 20.97 10.50
CA THR D 71 14.80 20.10 9.37
C THR D 71 14.59 18.65 9.84
N HIS D 72 14.18 17.79 8.90
CA HIS D 72 14.05 16.38 9.27
C HIS D 72 14.57 15.45 8.18
N ASP D 73 14.85 14.22 8.58
CA ASP D 73 15.23 13.17 7.64
C ASP D 73 14.23 12.02 7.79
N THR D 74 13.28 11.97 6.87
CA THR D 74 12.17 11.02 6.93
C THR D 74 12.59 9.56 7.08
N SER D 75 13.53 9.14 6.23
CA SER D 75 13.93 7.74 6.16
C SER D 75 14.75 7.26 7.37
N LYS D 76 15.28 8.19 8.16
CA LYS D 76 15.98 7.81 9.39
C LYS D 76 15.23 8.23 10.67
N ASN D 77 14.05 8.82 10.50
CA ASN D 77 13.17 9.19 11.61
C ASN D 77 13.89 10.07 12.62
N ARG D 78 14.52 11.14 12.11
CA ARG D 78 15.33 12.06 12.90
C ARG D 78 14.98 13.50 12.54
N PHE D 79 15.07 14.42 13.49
CA PHE D 79 14.97 15.84 13.13
C PHE D 79 16.15 16.64 13.69
N PHE D 80 16.39 17.82 13.12
CA PHE D 80 17.65 18.53 13.31
C PHE D 80 17.46 19.97 13.76
N LEU D 81 18.36 20.42 14.62
CA LEU D 81 18.46 21.84 14.94
C LEU D 81 19.74 22.41 14.34
N LYS D 82 19.62 23.50 13.60
CA LYS D 82 20.79 24.23 13.06
C LYS D 82 20.77 25.67 13.55
N LEU D 83 21.83 26.07 14.24
CA LEU D 83 21.86 27.42 14.78
C LEU D 83 23.14 28.07 14.28
N ASN D 84 23.00 29.20 13.59
CA ASN D 84 24.17 29.85 12.99
C ASN D 84 24.80 30.90 13.89
N SER D 85 26.03 31.28 13.56
CA SER D 85 26.69 32.41 14.20
C SER D 85 26.63 32.29 15.72
N VAL D 86 27.05 31.14 16.22
CA VAL D 86 27.01 30.89 17.63
C VAL D 86 28.00 31.78 18.40
N THR D 87 27.54 32.31 19.52
CA THR D 87 28.40 32.99 20.47
C THR D 87 28.26 32.28 21.81
N SER D 88 28.95 32.79 22.82
CA SER D 88 28.92 32.19 24.16
C SER D 88 27.55 32.33 24.83
N GLU D 89 26.70 33.21 24.30
CA GLU D 89 25.33 33.32 24.79
C GLU D 89 24.51 32.07 24.47
N ASP D 90 24.92 31.33 23.44
CA ASP D 90 24.27 30.08 23.06
C ASP D 90 24.77 28.91 23.91
N THR D 91 25.53 29.19 24.96
CA THR D 91 25.91 28.15 25.90
C THR D 91 24.67 27.72 26.67
N ALA D 92 24.28 26.45 26.51
CA ALA D 92 23.05 25.95 27.14
C ALA D 92 22.95 24.45 27.00
N THR D 93 21.95 23.87 27.65
CA THR D 93 21.61 22.48 27.41
C THR D 93 20.42 22.45 26.45
N TYR D 94 20.51 21.63 25.41
CA TYR D 94 19.52 21.62 24.35
C TYR D 94 18.67 20.35 24.47
N TYR D 95 17.35 20.52 24.49
CA TYR D 95 16.40 19.41 24.53
C TYR D 95 15.59 19.31 23.27
N CYS D 96 15.27 18.09 22.87
CA CYS D 96 14.22 17.88 21.88
C CYS D 96 12.99 17.31 22.57
N ALA D 97 11.80 17.54 22.00
CA ALA D 97 10.57 17.14 22.66
C ALA D 97 9.49 16.85 21.65
N ARG D 98 8.57 15.97 22.00
CA ARG D 98 7.41 15.75 21.16
C ARG D 98 6.26 16.55 21.74
N ALA D 99 5.51 17.23 20.89
CA ALA D 99 4.29 17.90 21.32
C ALA D 99 3.06 17.14 20.87
N THR D 100 2.08 17.03 21.76
CA THR D 100 0.83 16.42 21.38
C THR D 100 -0.31 17.35 21.80
N ALA D 101 -1.53 16.91 21.58
CA ALA D 101 -2.68 17.75 21.84
C ALA D 101 -3.88 16.96 22.28
N SER D 102 -4.78 17.63 23.01
CA SER D 102 -6.07 17.06 23.37
C SER D 102 -7.16 17.87 22.68
N PHE D 103 -7.97 17.20 21.87
CA PHE D 103 -9.06 17.90 21.19
C PHE D 103 -10.33 17.82 22.01
N TYR D 104 -10.15 17.64 23.31
CA TYR D 104 -11.25 17.77 24.24
C TYR D 104 -11.27 19.20 24.77
N ASP D 105 -10.10 19.81 24.89
CA ASP D 105 -9.99 21.16 25.42
C ASP D 105 -9.04 22.07 24.66
N GLY D 106 -8.42 21.53 23.62
CA GLY D 106 -7.55 22.32 22.77
C GLY D 106 -6.17 22.59 23.37
N SER D 107 -5.77 21.76 24.33
CA SER D 107 -4.47 21.94 24.97
C SER D 107 -3.39 21.30 24.12
N TYR D 108 -2.17 21.81 24.27
CA TYR D 108 -1.03 21.44 23.45
C TYR D 108 0.16 21.48 24.40
N TYR D 109 0.89 20.37 24.47
CA TYR D 109 1.87 20.17 25.52
C TYR D 109 2.96 19.20 25.08
N PHE D 110 4.08 19.25 25.78
CA PHE D 110 5.24 18.43 25.44
C PHE D 110 5.23 17.12 26.24
N ASP D 111 4.82 16.03 25.60
CA ASP D 111 4.59 14.82 26.40
C ASP D 111 5.78 13.88 26.47
N TYR D 112 6.79 14.07 25.61
CA TYR D 112 8.02 13.29 25.70
C TYR D 112 9.22 14.18 25.41
N TRP D 113 10.32 13.91 26.11
CA TRP D 113 11.53 14.72 26.03
C TRP D 113 12.78 13.86 25.86
N GLY D 114 13.78 14.43 25.17
CA GLY D 114 15.11 13.86 25.15
C GLY D 114 15.83 14.11 26.47
N GLN D 115 17.03 13.52 26.61
CA GLN D 115 17.92 13.66 27.76
C GLN D 115 18.56 15.03 27.89
N GLY D 116 18.73 15.73 26.77
CA GLY D 116 19.42 17.00 26.78
C GLY D 116 20.90 16.83 26.52
N THR D 117 21.48 17.75 25.74
CA THR D 117 22.92 17.76 25.52
C THR D 117 23.47 19.16 25.77
N THR D 118 24.63 19.22 26.42
CA THR D 118 25.20 20.51 26.75
C THR D 118 26.07 20.96 25.57
N LEU D 119 26.03 22.26 25.29
CA LEU D 119 26.85 22.84 24.24
C LEU D 119 27.80 23.85 24.85
N THR D 120 29.05 23.79 24.42
CA THR D 120 30.02 24.75 24.89
C THR D 120 30.59 25.52 23.72
N VAL D 121 30.81 26.80 23.92
CA VAL D 121 31.31 27.69 22.89
C VAL D 121 32.74 28.07 23.20
N SER D 122 33.67 27.58 22.39
CA SER D 122 35.08 27.89 22.58
C SER D 122 35.95 27.59 21.36
N SER D 123 37.07 28.32 21.26
CA SER D 123 38.07 28.11 20.22
C SER D 123 39.02 26.96 20.58
N ALA D 124 39.02 26.57 21.85
CA ALA D 124 40.00 25.58 22.31
C ALA D 124 39.73 24.16 21.80
N SER D 125 40.80 23.40 21.60
CA SER D 125 40.67 21.99 21.28
C SER D 125 40.37 21.19 22.52
N THR D 126 39.83 19.98 22.32
CA THR D 126 39.50 19.08 23.43
C THR D 126 40.77 18.60 24.11
N LYS D 127 40.67 18.31 25.41
CA LYS D 127 41.80 17.77 26.16
C LYS D 127 41.28 16.77 27.19
N GLY D 128 41.85 15.57 27.18
CA GLY D 128 41.48 14.54 28.11
C GLY D 128 42.08 14.81 29.48
N PRO D 129 41.43 14.28 30.54
CA PRO D 129 41.85 14.57 31.91
C PRO D 129 43.10 13.82 32.30
N SER D 130 43.81 14.34 33.30
CA SER D 130 44.80 13.56 34.03
C SER D 130 44.09 13.03 35.28
N VAL D 131 44.28 11.74 35.60
CA VAL D 131 43.60 11.13 36.75
C VAL D 131 44.58 10.74 37.86
N PHE D 132 44.42 11.32 39.05
CA PHE D 132 45.31 11.03 40.19
C PHE D 132 44.53 10.43 41.36
N PRO D 133 45.13 9.43 42.04
CA PRO D 133 44.46 8.76 43.16
C PRO D 133 44.34 9.64 44.39
N LEU D 134 43.21 9.57 45.11
CA LEU D 134 43.08 10.23 46.40
C LEU D 134 43.09 9.18 47.48
N ALA D 135 44.15 9.14 48.28
CA ALA D 135 44.30 8.13 49.31
C ALA D 135 44.97 8.75 50.54
N PRO D 136 44.50 8.37 51.73
CA PRO D 136 44.99 8.95 53.00
C PRO D 136 46.50 8.80 53.17
N CYS D 137 47.11 9.72 53.89
CA CYS D 137 48.55 9.70 54.11
C CYS D 137 48.99 8.38 54.76
N SER D 138 48.23 7.91 55.75
CA SER D 138 48.45 6.57 56.30
C SER D 138 47.13 5.95 56.75
N ARG D 139 47.16 4.65 57.01
CA ARG D 139 45.98 3.95 57.54
C ARG D 139 45.63 4.56 58.89
N SER D 140 44.36 4.48 59.28
CA SER D 140 43.95 5.02 60.56
C SER D 140 43.52 3.92 61.51
N THR D 141 44.31 3.74 62.57
CA THR D 141 44.04 2.77 63.61
C THR D 141 42.64 2.95 64.21
N SER D 142 42.22 4.19 64.39
CA SER D 142 40.93 4.47 65.00
C SER D 142 39.96 5.16 64.05
N GLU D 143 39.50 4.41 63.05
CA GLU D 143 38.34 4.81 62.27
C GLU D 143 37.79 3.56 61.59
N SER D 144 36.48 3.47 61.53
CA SER D 144 35.86 2.26 61.02
C SER D 144 35.46 2.46 59.57
N THR D 145 35.49 3.71 59.13
CA THR D 145 35.18 4.04 57.74
C THR D 145 36.32 4.81 57.06
N ALA D 146 36.67 4.41 55.85
CA ALA D 146 37.77 5.05 55.12
C ALA D 146 37.28 5.72 53.85
N ALA D 147 38.00 6.75 53.40
CA ALA D 147 37.66 7.40 52.15
C ALA D 147 38.79 7.29 51.13
N LEU D 148 38.43 7.12 49.87
CA LEU D 148 39.41 7.16 48.80
C LEU D 148 38.75 7.77 47.58
N GLY D 149 39.54 8.17 46.59
CA GLY D 149 38.95 8.75 45.42
C GLY D 149 39.90 8.91 44.26
N CYS D 150 39.48 9.70 43.27
CA CYS D 150 40.42 10.19 42.30
C CYS D 150 40.09 11.63 41.90
N LEU D 151 41.17 12.36 41.70
CA LEU D 151 41.14 13.71 41.16
C LEU D 151 41.19 13.59 39.64
N VAL D 152 40.24 14.18 38.94
CA VAL D 152 40.31 14.18 37.49
C VAL D 152 40.43 15.65 37.06
N LYS D 153 41.61 15.95 36.53
CA LYS D 153 42.09 17.33 36.42
C LYS D 153 42.39 17.72 34.99
N ASP D 154 42.17 19.00 34.70
CA ASP D 154 42.63 19.64 33.46
C ASP D 154 42.04 19.04 32.18
N TYR D 155 40.73 18.90 32.10
CA TYR D 155 40.12 18.39 30.86
C TYR D 155 39.21 19.45 30.26
N PHE D 156 38.92 19.33 28.96
CA PHE D 156 38.03 20.26 28.27
C PHE D 156 37.46 19.58 27.03
N PRO D 157 36.16 19.76 26.76
CA PRO D 157 35.15 20.45 27.56
C PRO D 157 34.46 19.47 28.51
N GLU D 158 33.43 19.92 29.21
CA GLU D 158 32.55 19.02 29.97
C GLU D 158 31.82 18.12 28.97
N PRO D 159 31.38 16.92 29.40
CA PRO D 159 31.50 16.36 30.74
C PRO D 159 32.43 15.16 30.80
N VAL D 160 32.72 14.71 32.02
CA VAL D 160 33.32 13.40 32.22
C VAL D 160 32.30 12.58 33.01
N THR D 161 32.46 11.27 32.99
CA THR D 161 31.65 10.42 33.83
C THR D 161 32.62 9.57 34.63
N VAL D 162 32.31 9.38 35.90
CA VAL D 162 33.17 8.57 36.75
C VAL D 162 32.33 7.43 37.28
N SER D 163 32.90 6.22 37.22
CA SER D 163 32.34 5.04 37.85
C SER D 163 33.40 4.43 38.76
N TRP D 164 32.96 3.59 39.68
CA TRP D 164 33.88 2.85 40.54
C TRP D 164 33.69 1.35 40.37
N ASN D 165 34.80 0.64 40.18
CA ASN D 165 34.81 -0.78 39.79
C ASN D 165 33.75 -1.07 38.72
N SER D 166 33.78 -0.29 37.64
CA SER D 166 32.93 -0.49 36.48
C SER D 166 31.44 -0.54 36.79
N GLY D 167 31.04 0.10 37.89
CA GLY D 167 29.63 0.18 38.24
C GLY D 167 29.18 -0.78 39.32
N ALA D 168 30.06 -1.66 39.74
CA ALA D 168 29.76 -2.54 40.87
C ALA D 168 29.65 -1.73 42.16
N LEU D 169 30.39 -0.62 42.24
CA LEU D 169 30.41 0.20 43.45
C LEU D 169 29.64 1.51 43.26
N THR D 170 28.47 1.61 43.89
CA THR D 170 27.63 2.79 43.71
C THR D 170 27.32 3.49 45.04
N SER D 171 27.25 2.71 46.11
CA SER D 171 26.88 3.25 47.41
C SER D 171 28.08 4.02 48.00
N GLY D 172 27.78 5.17 48.60
CA GLY D 172 28.82 5.98 49.23
C GLY D 172 29.65 6.80 48.26
N VAL D 173 29.37 6.68 46.96
CA VAL D 173 30.13 7.38 45.92
C VAL D 173 29.59 8.81 45.81
N HIS D 174 30.49 9.79 45.85
CA HIS D 174 30.09 11.18 45.54
C HIS D 174 30.97 11.74 44.45
N THR D 175 30.35 12.17 43.35
CA THR D 175 31.11 12.81 42.26
C THR D 175 30.74 14.28 42.22
N PHE D 176 31.71 15.13 42.49
CA PHE D 176 31.43 16.55 42.64
C PHE D 176 31.29 17.23 41.28
N PRO D 177 30.46 18.28 41.21
CA PRO D 177 30.39 19.20 40.05
C PRO D 177 31.79 19.70 39.66
N ALA D 178 32.07 19.74 38.37
CA ALA D 178 33.35 20.23 37.91
C ALA D 178 33.46 21.70 38.23
N VAL D 179 34.69 22.18 38.39
CA VAL D 179 34.92 23.61 38.53
C VAL D 179 35.81 24.05 37.37
N LEU D 180 35.41 25.14 36.72
CA LEU D 180 36.22 25.75 35.68
C LEU D 180 37.40 26.49 36.32
N GLN D 181 38.61 26.06 36.01
CA GLN D 181 39.83 26.69 36.50
C GLN D 181 40.13 27.99 35.72
N SER D 182 41.03 28.82 36.25
CA SER D 182 41.40 30.05 35.58
C SER D 182 42.10 29.71 34.24
N SER D 183 42.79 28.58 34.25
CA SER D 183 43.21 27.86 33.06
C SER D 183 42.21 27.94 31.88
N GLY D 184 40.93 27.74 32.17
CA GLY D 184 39.92 27.46 31.16
C GLY D 184 39.65 25.96 31.08
N LEU D 185 40.39 25.19 31.87
CA LEU D 185 40.23 23.74 31.92
C LEU D 185 39.38 23.35 33.11
N TYR D 186 38.85 22.13 33.11
CA TYR D 186 37.98 21.70 34.20
C TYR D 186 38.65 20.72 35.17
N SER D 187 38.18 20.72 36.43
CA SER D 187 38.61 19.74 37.42
C SER D 187 37.50 19.28 38.34
N LEU D 188 37.56 18.03 38.77
CA LEU D 188 36.66 17.54 39.80
C LEU D 188 37.29 16.36 40.54
N SER D 189 36.67 16.00 41.65
CA SER D 189 37.01 14.80 42.41
C SER D 189 35.80 13.88 42.49
N SER D 190 36.05 12.58 42.57
CA SER D 190 35.03 11.60 42.89
C SER D 190 35.58 10.79 44.05
N VAL D 191 34.77 10.61 45.09
CA VAL D 191 35.21 9.99 46.33
C VAL D 191 34.24 8.88 46.67
N VAL D 192 34.69 7.92 47.47
CA VAL D 192 33.81 6.90 48.01
C VAL D 192 34.26 6.57 49.41
N THR D 193 33.32 6.31 50.31
CA THR D 193 33.70 5.86 51.64
C THR D 193 33.31 4.41 51.77
N VAL D 194 34.18 3.63 52.39
CA VAL D 194 33.95 2.20 52.52
C VAL D 194 34.33 1.83 53.93
N PRO D 195 33.89 0.65 54.39
CA PRO D 195 34.36 0.19 55.71
C PRO D 195 35.87 -0.08 55.70
N SER D 196 36.55 0.23 56.80
CA SER D 196 37.99 0.04 56.87
C SER D 196 38.35 -1.44 56.80
N SER D 197 37.47 -2.28 57.31
CA SER D 197 37.67 -3.73 57.22
C SER D 197 37.40 -4.27 55.81
N SER D 198 37.89 -3.56 54.80
CA SER D 198 37.81 -4.06 53.43
C SER D 198 39.00 -3.52 52.64
N LEU D 199 39.70 -2.55 53.22
CA LEU D 199 40.97 -2.12 52.67
C LEU D 199 42.00 -3.24 52.83
N GLY D 200 42.67 -3.61 51.74
CA GLY D 200 43.59 -4.72 51.77
C GLY D 200 42.91 -5.99 51.30
N THR D 201 41.62 -6.09 51.62
CA THR D 201 40.79 -7.22 51.23
C THR D 201 40.31 -7.05 49.79
N LYS D 202 39.79 -5.86 49.50
CA LYS D 202 39.21 -5.57 48.18
C LYS D 202 39.90 -4.39 47.49
N THR D 203 39.77 -4.34 46.17
CA THR D 203 40.45 -3.33 45.37
C THR D 203 39.46 -2.29 44.83
N TYR D 204 39.95 -1.07 44.65
CA TYR D 204 39.10 0.01 44.19
C TYR D 204 39.73 0.75 43.02
N THR D 205 38.93 0.87 41.96
CA THR D 205 39.38 1.47 40.71
C THR D 205 38.35 2.48 40.26
N CYS D 206 38.79 3.69 39.93
CA CYS D 206 37.86 4.64 39.39
C CYS D 206 37.99 4.65 37.87
N ASN D 207 36.83 4.64 37.21
CA ASN D 207 36.75 4.56 35.75
C ASN D 207 36.29 5.89 35.19
N VAL D 208 37.21 6.59 34.54
CA VAL D 208 36.94 7.93 34.05
C VAL D 208 36.80 7.93 32.55
N ASP D 209 35.64 8.34 32.05
CA ASP D 209 35.41 8.49 30.62
C ASP D 209 35.21 9.96 30.22
N HIS D 210 35.96 10.39 29.21
CA HIS D 210 35.82 11.71 28.61
C HIS D 210 35.56 11.52 27.14
N LYS D 211 34.29 11.40 26.77
CA LYS D 211 33.92 11.18 25.37
C LYS D 211 34.42 12.27 24.38
N PRO D 212 34.34 13.58 24.75
CA PRO D 212 34.78 14.61 23.80
C PRO D 212 36.20 14.46 23.27
N SER D 213 37.10 13.94 24.08
CA SER D 213 38.45 13.69 23.62
C SER D 213 38.61 12.20 23.36
N ASN D 214 37.52 11.47 23.54
CA ASN D 214 37.50 10.01 23.48
C ASN D 214 38.63 9.42 24.32
N THR D 215 38.69 9.87 25.58
CA THR D 215 39.69 9.38 26.52
C THR D 215 39.00 8.57 27.62
N LYS D 216 39.58 7.42 27.91
CA LYS D 216 39.09 6.53 28.95
C LYS D 216 40.29 6.16 29.80
N VAL D 217 40.15 6.28 31.10
CA VAL D 217 41.26 6.03 32.02
C VAL D 217 40.75 5.34 33.26
N ASP D 218 41.30 4.16 33.56
CA ASP D 218 41.01 3.47 34.80
C ASP D 218 42.20 3.61 35.74
N LYS D 219 41.92 3.97 37.00
CA LYS D 219 43.00 4.18 37.95
C LYS D 219 42.69 3.49 39.26
N ARG D 220 43.50 2.49 39.62
CA ARG D 220 43.33 1.82 40.88
C ARG D 220 43.86 2.72 41.97
N VAL D 221 43.11 2.83 43.07
CA VAL D 221 43.51 3.67 44.18
C VAL D 221 44.01 2.79 45.32
N GLU D 222 45.31 2.85 45.54
CA GLU D 222 45.98 1.98 46.51
C GLU D 222 45.57 2.33 47.93
N SER D 223 45.03 1.34 48.64
CA SER D 223 44.56 1.52 50.01
C SER D 223 45.56 0.99 51.03
N LYS D 224 46.80 0.79 50.58
CA LYS D 224 47.86 0.31 51.46
C LYS D 224 48.63 1.49 52.04
N THR E 10 -9.26 -23.19 -4.95
CA THR E 10 -9.53 -22.99 -3.53
C THR E 10 -9.80 -21.51 -3.22
N VAL E 11 -9.10 -20.59 -3.87
CA VAL E 11 -9.45 -19.17 -3.83
C VAL E 11 -9.54 -18.61 -5.26
N SER E 12 -10.76 -18.32 -5.72
CA SER E 12 -10.96 -17.85 -7.09
C SER E 12 -12.23 -17.02 -7.18
N LEU E 13 -12.33 -16.21 -8.22
CA LEU E 13 -13.56 -15.45 -8.41
C LEU E 13 -14.73 -16.41 -8.56
N TRP E 14 -14.51 -17.50 -9.27
CA TRP E 14 -15.54 -18.49 -9.49
C TRP E 14 -16.02 -19.13 -8.16
N GLU E 15 -15.09 -19.54 -7.32
CA GLU E 15 -15.49 -20.10 -6.02
C GLU E 15 -16.33 -19.09 -5.20
N THR E 16 -15.93 -17.84 -5.19
CA THR E 16 -16.67 -16.82 -4.43
C THR E 16 -18.08 -16.61 -4.99
N VAL E 17 -18.19 -16.62 -6.32
CA VAL E 17 -19.48 -16.50 -6.98
C VAL E 17 -20.39 -17.64 -6.57
N GLN E 18 -19.87 -18.86 -6.57
CA GLN E 18 -20.67 -20.02 -6.15
C GLN E 18 -21.14 -19.85 -4.72
N LYS E 19 -20.27 -19.36 -3.86
CA LYS E 19 -20.63 -19.12 -2.48
C LYS E 19 -21.69 -18.01 -2.35
N TRP E 20 -21.59 -16.98 -3.18
CA TRP E 20 -22.56 -15.89 -3.15
C TRP E 20 -23.93 -16.45 -3.55
N ARG E 21 -23.95 -17.28 -4.60
CA ARG E 21 -25.18 -17.88 -5.09
C ARG E 21 -25.84 -18.71 -3.99
N GLU E 22 -25.01 -19.42 -3.24
CA GLU E 22 -25.52 -20.27 -2.18
C GLU E 22 -26.02 -19.38 -1.05
N TYR E 23 -25.25 -18.34 -0.73
CA TYR E 23 -25.72 -17.36 0.24
C TYR E 23 -27.11 -16.82 -0.15
N ARG E 24 -27.28 -16.47 -1.42
CA ARG E 24 -28.56 -15.93 -1.87
C ARG E 24 -29.66 -16.96 -1.71
N ARG E 25 -29.40 -18.20 -2.11
CA ARG E 25 -30.40 -19.26 -2.01
C ARG E 25 -30.87 -19.43 -0.57
N GLN E 26 -29.93 -19.47 0.35
CA GLN E 26 -30.25 -19.59 1.78
C GLN E 26 -31.05 -18.40 2.29
N CYS E 27 -30.60 -17.20 1.93
CA CYS E 27 -31.32 -15.99 2.32
C CYS E 27 -32.77 -16.04 1.81
N GLN E 28 -32.97 -16.42 0.55
CA GLN E 28 -34.29 -16.47 -0.05
C GLN E 28 -35.20 -17.42 0.71
N ARG E 29 -34.64 -18.55 1.15
CA ARG E 29 -35.35 -19.48 1.99
C ARG E 29 -35.79 -18.80 3.31
N SER E 30 -34.86 -18.13 3.98
CA SER E 30 -35.18 -17.36 5.20
C SER E 30 -36.27 -16.34 4.99
N LEU E 31 -36.20 -15.60 3.89
CA LEU E 31 -37.18 -14.54 3.61
C LEU E 31 -38.57 -15.17 3.51
N THR E 32 -38.66 -16.32 2.85
CA THR E 32 -39.95 -16.95 2.61
C THR E 32 -40.47 -17.74 3.80
N GLU E 33 -39.57 -18.42 4.50
CA GLU E 33 -39.97 -19.40 5.50
C GLU E 33 -39.99 -18.94 6.96
N ASP E 34 -39.23 -17.89 7.30
CA ASP E 34 -39.17 -17.45 8.69
C ASP E 34 -40.51 -16.90 9.17
N PRO E 35 -40.88 -17.17 10.44
CA PRO E 35 -42.19 -16.76 10.94
C PRO E 35 -42.29 -15.23 11.04
N PRO E 36 -43.51 -14.68 10.89
CA PRO E 36 -43.77 -13.24 10.97
C PRO E 36 -43.23 -12.61 12.26
N PRO E 37 -42.95 -11.31 12.23
CA PRO E 37 -42.35 -10.69 13.43
C PRO E 37 -43.35 -10.62 14.59
N ALA E 38 -42.85 -10.33 15.79
CA ALA E 38 -43.71 -10.30 16.99
C ALA E 38 -44.88 -9.35 16.82
N THR E 39 -44.62 -8.17 16.28
CA THR E 39 -45.68 -7.19 16.07
C THR E 39 -45.86 -6.78 14.61
N ASP E 40 -46.66 -5.73 14.44
CA ASP E 40 -47.06 -5.19 13.15
C ASP E 40 -46.00 -4.23 12.60
N LEU E 41 -45.21 -3.63 13.49
CA LEU E 41 -44.42 -2.46 13.12
C LEU E 41 -42.97 -2.74 12.63
N PHE E 42 -42.49 -3.98 12.75
CA PHE E 42 -41.10 -4.30 12.37
C PHE E 42 -40.67 -3.80 10.95
N CYS E 43 -39.40 -3.43 10.81
CA CYS E 43 -38.77 -3.13 9.51
C CYS E 43 -38.64 -4.42 8.70
N ASN E 44 -38.93 -4.37 7.42
CA ASN E 44 -39.09 -5.60 6.66
C ASN E 44 -37.77 -6.26 6.24
N ARG E 45 -37.70 -7.57 6.42
CA ARG E 45 -36.62 -8.42 5.95
C ARG E 45 -36.28 -8.17 4.47
N THR E 46 -35.01 -8.32 4.11
CA THR E 46 -34.63 -8.12 2.72
C THR E 46 -33.22 -8.61 2.43
N PHE E 47 -32.97 -8.98 1.17
CA PHE E 47 -31.63 -9.27 0.66
C PHE E 47 -31.18 -8.07 -0.15
N ASP E 48 -30.10 -7.41 0.25
CA ASP E 48 -29.63 -6.24 -0.50
C ASP E 48 -28.48 -6.57 -1.49
N GLU E 49 -28.32 -7.85 -1.82
CA GLU E 49 -27.24 -8.39 -2.70
C GLU E 49 -25.89 -8.50 -1.98
N TYR E 50 -25.81 -7.94 -0.78
CA TYR E 50 -24.61 -8.06 0.04
C TYR E 50 -24.90 -8.96 1.27
N ALA E 51 -25.95 -8.62 2.01
CA ALA E 51 -26.31 -9.34 3.20
C ALA E 51 -27.80 -9.59 3.31
N CYS E 52 -28.16 -10.65 4.01
CA CYS E 52 -29.54 -10.93 4.35
C CYS E 52 -29.95 -10.16 5.61
N TRP E 53 -30.92 -9.27 5.49
CA TRP E 53 -31.42 -8.53 6.64
C TRP E 53 -32.72 -9.15 7.13
N PRO E 54 -32.79 -9.40 8.43
CA PRO E 54 -34.01 -9.94 9.04
C PRO E 54 -34.98 -8.82 9.31
N ASP E 55 -36.16 -9.16 9.83
CA ASP E 55 -37.09 -8.13 10.28
C ASP E 55 -36.41 -7.39 11.42
N GLY E 56 -36.59 -6.07 11.50
CA GLY E 56 -35.92 -5.29 12.52
C GLY E 56 -36.90 -4.73 13.53
N GLU E 57 -36.56 -4.79 14.82
CA GLU E 57 -37.35 -4.18 15.88
C GLU E 57 -37.30 -2.66 15.79
N PRO E 58 -38.47 -2.00 15.87
CA PRO E 58 -38.42 -0.54 15.82
C PRO E 58 -37.59 0.02 16.97
N GLY E 59 -36.72 0.98 16.67
CA GLY E 59 -35.85 1.62 17.65
C GLY E 59 -34.53 0.91 17.96
N SER E 60 -34.17 -0.09 17.16
N SER E 60 -34.17 -0.09 17.15
CA SER E 60 -33.00 -0.91 17.46
CA SER E 60 -33.03 -0.96 17.43
C SER E 60 -32.06 -1.06 16.27
C SER E 60 -32.07 -1.05 16.25
N PHE E 61 -30.78 -1.19 16.56
CA PHE E 61 -29.80 -1.51 15.54
C PHE E 61 -30.00 -2.96 15.21
N VAL E 62 -29.79 -3.34 13.95
CA VAL E 62 -29.90 -4.74 13.55
C VAL E 62 -28.50 -5.22 13.16
N ASN E 63 -28.08 -6.36 13.71
CA ASN E 63 -26.71 -6.85 13.53
C ASN E 63 -26.73 -8.13 12.71
N VAL E 64 -25.91 -8.16 11.66
CA VAL E 64 -25.85 -9.32 10.81
C VAL E 64 -24.37 -9.71 10.64
N SER E 65 -24.07 -10.98 10.84
CA SER E 65 -22.70 -11.47 10.68
C SER E 65 -22.12 -11.13 9.31
N CYS E 66 -20.82 -10.89 9.24
CA CYS E 66 -20.13 -10.73 7.97
C CYS E 66 -20.52 -11.85 7.03
N PRO E 67 -20.99 -11.49 5.82
CA PRO E 67 -21.46 -12.51 4.86
C PRO E 67 -20.38 -13.56 4.59
N TRP E 68 -20.74 -14.84 4.68
CA TRP E 68 -19.68 -15.85 4.75
C TRP E 68 -19.03 -16.16 3.39
N TYR E 69 -19.61 -15.68 2.30
CA TYR E 69 -19.04 -15.94 0.97
C TYR E 69 -17.81 -15.07 0.70
N LEU E 70 -17.59 -14.04 1.50
CA LEU E 70 -16.49 -13.12 1.21
C LEU E 70 -15.16 -13.86 1.30
N PRO E 71 -14.21 -13.50 0.43
CA PRO E 71 -12.94 -14.26 0.38
C PRO E 71 -12.17 -14.16 1.70
N TRP E 72 -12.25 -12.99 2.33
CA TRP E 72 -11.61 -12.74 3.60
C TRP E 72 -12.52 -13.01 4.80
N ALA E 73 -13.50 -13.89 4.64
CA ALA E 73 -14.50 -14.14 5.68
C ALA E 73 -13.94 -14.74 6.98
N SER E 74 -12.62 -14.80 7.12
CA SER E 74 -12.00 -15.30 8.34
C SER E 74 -11.10 -14.26 8.99
N SER E 75 -10.67 -13.26 8.21
CA SER E 75 -10.15 -12.04 8.81
C SER E 75 -11.17 -11.48 9.83
N VAL E 76 -12.45 -11.75 9.62
CA VAL E 76 -13.51 -11.10 10.38
C VAL E 76 -14.61 -12.05 10.89
N PRO E 77 -14.23 -13.04 11.72
CA PRO E 77 -15.17 -14.09 12.15
C PRO E 77 -16.22 -13.62 13.17
N GLN E 78 -15.88 -12.61 13.95
CA GLN E 78 -16.81 -12.09 14.95
C GLN E 78 -17.59 -10.91 14.41
N GLY E 79 -17.15 -10.38 13.28
CA GLY E 79 -17.67 -9.13 12.73
C GLY E 79 -19.14 -9.07 12.38
N HIS E 80 -19.68 -7.85 12.37
CA HIS E 80 -21.07 -7.60 12.00
C HIS E 80 -21.22 -6.38 11.12
N VAL E 81 -22.25 -6.42 10.29
CA VAL E 81 -22.68 -5.29 9.49
C VAL E 81 -23.99 -4.78 10.12
N TYR E 82 -24.23 -3.47 10.08
CA TYR E 82 -25.33 -2.90 10.86
C TYR E 82 -26.26 -2.06 10.02
N ARG E 83 -27.55 -2.17 10.34
CA ARG E 83 -28.58 -1.26 9.87
C ARG E 83 -29.24 -0.65 11.10
N PHE E 84 -30.11 0.33 10.92
CA PHE E 84 -30.92 0.78 12.04
C PHE E 84 -32.39 0.84 11.65
N CYS E 85 -33.25 0.34 12.53
CA CYS E 85 -34.68 0.35 12.34
C CYS E 85 -35.28 1.42 13.25
N THR E 86 -35.80 2.49 12.67
CA THR E 86 -36.33 3.62 13.43
C THR E 86 -37.65 3.30 14.13
N ALA E 87 -38.06 4.20 15.03
CA ALA E 87 -39.28 3.98 15.82
C ALA E 87 -40.53 3.88 14.92
N GLU E 88 -40.42 4.37 13.69
CA GLU E 88 -41.53 4.38 12.75
C GLU E 88 -41.55 3.14 11.88
N GLY E 89 -40.64 2.19 12.10
CA GLY E 89 -40.62 0.98 11.30
C GLY E 89 -40.01 1.18 9.92
N LEU E 90 -39.21 2.24 9.79
CA LEU E 90 -38.43 2.48 8.57
C LEU E 90 -36.98 2.11 8.76
N TRP E 91 -36.35 1.51 7.74
CA TRP E 91 -34.90 1.38 7.79
C TRP E 91 -34.31 2.78 7.71
N LEU E 92 -33.36 3.09 8.60
CA LEU E 92 -32.71 4.40 8.63
C LEU E 92 -32.08 4.70 7.27
N GLN E 93 -32.35 5.89 6.75
CA GLN E 93 -31.89 6.23 5.40
C GLN E 93 -31.73 7.74 5.25
N LYS E 94 -30.57 8.15 4.76
CA LYS E 94 -30.32 9.58 4.54
C LYS E 94 -31.29 10.16 3.53
N ASP E 95 -31.60 11.45 3.67
CA ASP E 95 -32.43 12.14 2.71
C ASP E 95 -31.71 12.17 1.36
N ASN E 96 -30.38 12.20 1.44
CA ASN E 96 -29.46 12.30 0.30
C ASN E 96 -29.32 11.00 -0.51
N SER E 97 -29.89 9.90 -0.02
CA SER E 97 -29.61 8.59 -0.60
C SER E 97 -30.87 7.81 -0.96
N SER E 98 -30.71 6.79 -1.79
CA SER E 98 -31.85 5.95 -2.15
C SER E 98 -31.69 4.54 -1.57
N LEU E 99 -30.59 4.33 -0.85
CA LEU E 99 -30.33 3.08 -0.14
C LEU E 99 -30.29 3.30 1.38
N PRO E 100 -30.76 2.31 2.15
CA PRO E 100 -30.70 2.41 3.62
C PRO E 100 -29.26 2.59 4.13
N TRP E 101 -29.10 3.30 5.25
CA TRP E 101 -27.81 3.36 5.91
C TRP E 101 -27.33 1.96 6.29
N ARG E 102 -26.03 1.71 6.13
CA ARG E 102 -25.44 0.40 6.39
C ARG E 102 -23.99 0.66 6.82
N ASP E 103 -23.58 0.05 7.92
CA ASP E 103 -22.17 0.15 8.31
C ASP E 103 -21.54 -1.23 8.18
N LEU E 104 -20.67 -1.39 7.19
CA LEU E 104 -19.98 -2.68 7.02
C LEU E 104 -18.48 -2.56 7.31
N SER E 105 -18.08 -1.49 7.98
CA SER E 105 -16.67 -1.27 8.35
C SER E 105 -15.99 -2.51 8.94
N GLU E 106 -16.71 -3.26 9.78
CA GLU E 106 -16.17 -4.44 10.45
C GLU E 106 -15.91 -5.62 9.50
N CYS E 107 -16.50 -5.59 8.31
CA CYS E 107 -16.39 -6.73 7.39
C CYS E 107 -15.53 -6.42 6.16
N GLU E 108 -14.83 -5.29 6.19
CA GLU E 108 -13.93 -4.93 5.09
C GLU E 108 -12.69 -5.83 5.06
N GLU E 109 -12.08 -5.91 3.89
CA GLU E 109 -10.87 -6.72 3.70
C GLU E 109 -9.67 -6.05 4.36
N SER E 117 -10.08 -3.29 -2.06
CA SER E 117 -10.84 -2.39 -2.92
C SER E 117 -11.10 -2.91 -4.35
N PRO E 118 -10.11 -3.59 -4.98
CA PRO E 118 -10.45 -4.20 -6.27
C PRO E 118 -11.59 -5.23 -6.17
N GLU E 119 -11.43 -6.18 -5.25
CA GLU E 119 -12.48 -7.16 -5.00
C GLU E 119 -13.74 -6.47 -4.47
N GLU E 120 -13.55 -5.46 -3.63
CA GLU E 120 -14.68 -4.76 -3.00
C GLU E 120 -15.44 -3.88 -4.00
N GLN E 121 -14.74 -3.26 -4.95
CA GLN E 121 -15.40 -2.50 -6.01
C GLN E 121 -16.25 -3.43 -6.86
N LEU E 122 -15.72 -4.60 -7.17
CA LEU E 122 -16.45 -5.59 -7.97
C LEU E 122 -17.67 -6.08 -7.22
N LEU E 123 -17.49 -6.29 -5.92
CA LEU E 123 -18.55 -6.75 -5.03
C LEU E 123 -19.76 -5.83 -5.08
N PHE E 124 -19.54 -4.54 -5.30
CA PHE E 124 -20.65 -3.59 -5.30
C PHE E 124 -20.99 -3.00 -6.67
N LEU E 125 -20.54 -3.66 -7.75
CA LEU E 125 -20.85 -3.21 -9.12
C LEU E 125 -22.13 -3.88 -9.66
N TYR E 126 -23.23 -3.12 -9.73
CA TYR E 126 -24.54 -3.67 -10.12
C TYR E 126 -24.99 -3.26 -11.52
N THR F 10 2.56 25.93 7.46
CA THR F 10 1.20 25.88 6.96
C THR F 10 0.41 24.76 7.65
N VAL F 11 0.97 23.54 7.65
CA VAL F 11 0.28 22.36 8.21
C VAL F 11 1.04 21.75 9.42
N SER F 12 0.39 21.76 10.57
CA SER F 12 1.00 21.33 11.82
C SER F 12 -0.05 21.03 12.86
N LEU F 13 0.31 20.22 13.85
CA LEU F 13 -0.63 19.93 14.94
C LEU F 13 -1.05 21.23 15.63
N TRP F 14 -0.08 22.12 15.84
CA TRP F 14 -0.32 23.40 16.49
C TRP F 14 -1.32 24.26 15.72
N GLU F 15 -1.22 24.27 14.40
CA GLU F 15 -2.13 25.09 13.62
C GLU F 15 -3.53 24.48 13.60
N THR F 16 -3.61 23.16 13.60
CA THR F 16 -4.88 22.47 13.69
C THR F 16 -5.52 22.77 15.03
N VAL F 17 -4.72 22.76 16.11
CA VAL F 17 -5.18 23.13 17.44
C VAL F 17 -5.78 24.53 17.46
N GLN F 18 -5.07 25.49 16.86
CA GLN F 18 -5.54 26.89 16.75
C GLN F 18 -6.90 26.99 16.05
N LYS F 19 -7.02 26.27 14.95
CA LYS F 19 -8.28 26.26 14.18
C LYS F 19 -9.39 25.63 15.01
N TRP F 20 -9.07 24.55 15.71
CA TRP F 20 -10.07 23.90 16.55
C TRP F 20 -10.55 24.84 17.63
N ARG F 21 -9.63 25.57 18.25
CA ARG F 21 -9.99 26.55 19.27
C ARG F 21 -10.95 27.58 18.70
N GLU F 22 -10.69 27.96 17.45
CA GLU F 22 -11.49 28.98 16.81
C GLU F 22 -12.87 28.40 16.47
N TYR F 23 -12.87 27.16 16.01
CA TYR F 23 -14.11 26.45 15.75
C TYR F 23 -14.98 26.40 16.99
N ARG F 24 -14.37 26.11 18.14
CA ARG F 24 -15.13 25.99 19.38
C ARG F 24 -15.67 27.34 19.80
N ARG F 25 -14.83 28.38 19.72
CA ARG F 25 -15.26 29.74 20.03
C ARG F 25 -16.52 30.13 19.25
N GLN F 26 -16.52 29.91 17.94
CA GLN F 26 -17.65 30.26 17.10
C GLN F 26 -18.85 29.38 17.43
N CYS F 27 -18.60 28.10 17.63
CA CYS F 27 -19.64 27.17 18.05
C CYS F 27 -20.32 27.59 19.37
N GLN F 28 -19.53 28.03 20.36
CA GLN F 28 -20.09 28.47 21.65
C GLN F 28 -21.07 29.63 21.44
N ARG F 29 -20.66 30.55 20.58
CA ARG F 29 -21.51 31.67 20.18
C ARG F 29 -22.88 31.18 19.73
N SER F 30 -22.91 30.24 18.79
CA SER F 30 -24.16 29.70 18.25
C SER F 30 -25.01 29.01 19.33
N LEU F 31 -24.38 28.17 20.14
CA LEU F 31 -25.09 27.49 21.23
C LEU F 31 -25.83 28.47 22.14
N THR F 32 -25.26 29.67 22.29
CA THR F 32 -25.85 30.70 23.15
C THR F 32 -26.85 31.56 22.40
N GLU F 33 -26.50 31.95 21.17
CA GLU F 33 -27.28 32.95 20.45
C GLU F 33 -28.46 32.40 19.65
N ASP F 34 -28.42 31.11 19.31
CA ASP F 34 -29.47 30.52 18.50
C ASP F 34 -30.79 30.42 19.28
N PRO F 35 -31.89 30.85 18.63
CA PRO F 35 -33.20 30.80 19.30
C PRO F 35 -33.61 29.38 19.65
N PRO F 36 -34.22 29.20 20.83
CA PRO F 36 -34.71 27.91 21.33
C PRO F 36 -35.60 27.19 20.31
N PRO F 37 -35.70 25.85 20.41
CA PRO F 37 -36.44 25.03 19.44
C PRO F 37 -37.96 25.29 19.45
N ALA F 38 -38.59 25.05 18.30
CA ALA F 38 -40.02 25.29 18.13
C ALA F 38 -40.89 24.40 19.02
N THR F 39 -40.55 23.12 19.11
CA THR F 39 -41.40 22.14 19.79
C THR F 39 -40.97 21.85 21.24
N ASP F 40 -41.68 20.92 21.86
CA ASP F 40 -41.39 20.51 23.23
C ASP F 40 -40.40 19.36 23.25
N LEU F 41 -40.41 18.57 22.18
CA LEU F 41 -39.56 17.40 22.06
C LEU F 41 -38.43 17.67 21.08
N PHE F 42 -37.19 17.57 21.54
CA PHE F 42 -36.03 17.82 20.67
C PHE F 42 -34.75 17.23 21.24
N CYS F 43 -33.83 16.89 20.34
CA CYS F 43 -32.45 16.58 20.72
C CYS F 43 -31.69 17.88 20.94
N ASN F 44 -30.98 17.98 22.06
CA ASN F 44 -30.34 19.23 22.43
C ASN F 44 -29.08 19.53 21.61
N ARG F 45 -28.96 20.77 21.14
CA ARG F 45 -27.70 21.28 20.57
C ARG F 45 -26.51 20.95 21.47
N THR F 46 -25.34 20.81 20.86
CA THR F 46 -24.17 20.42 21.62
C THR F 46 -22.91 20.53 20.75
N PHE F 47 -21.78 20.81 21.39
CA PHE F 47 -20.46 20.69 20.79
C PHE F 47 -19.86 19.44 21.37
N ASP F 48 -19.60 18.44 20.53
CA ASP F 48 -19.11 17.17 21.05
C ASP F 48 -17.59 17.02 20.84
N GLU F 49 -16.91 18.16 20.72
CA GLU F 49 -15.46 18.26 20.48
C GLU F 49 -15.08 17.89 19.05
N TYR F 50 -16.03 17.43 18.25
CA TYR F 50 -15.74 17.18 16.84
C TYR F 50 -16.46 18.20 15.95
N ALA F 51 -17.76 18.35 16.17
CA ALA F 51 -18.58 19.27 15.40
C ALA F 51 -19.57 20.00 16.30
N CYS F 52 -20.05 21.14 15.83
CA CYS F 52 -21.14 21.85 16.46
C CYS F 52 -22.47 21.31 15.93
N TRP F 53 -23.29 20.72 16.80
CA TRP F 53 -24.60 20.20 16.38
C TRP F 53 -25.75 21.09 16.85
N PRO F 54 -26.65 21.48 15.93
CA PRO F 54 -27.89 22.20 16.30
C PRO F 54 -28.90 21.29 16.97
N ASP F 55 -30.02 21.87 17.40
CA ASP F 55 -31.09 21.09 17.97
C ASP F 55 -31.60 20.12 16.89
N GLY F 56 -32.02 18.92 17.29
CA GLY F 56 -32.61 18.00 16.34
C GLY F 56 -34.12 17.91 16.52
N GLU F 57 -34.87 17.80 15.43
CA GLU F 57 -36.28 17.50 15.55
C GLU F 57 -36.46 15.98 15.51
N PRO F 58 -37.28 15.44 16.42
CA PRO F 58 -37.45 14.00 16.61
C PRO F 58 -37.73 13.20 15.32
N GLY F 59 -37.06 12.06 15.17
CA GLY F 59 -37.21 11.19 14.03
C GLY F 59 -36.63 11.70 12.74
N SER F 60 -35.56 12.51 12.82
CA SER F 60 -34.95 13.02 11.60
C SER F 60 -33.43 13.23 11.70
N PHE F 61 -32.82 13.39 10.52
CA PHE F 61 -31.39 13.58 10.43
C PHE F 61 -31.05 15.03 10.71
N VAL F 62 -29.86 15.20 11.27
CA VAL F 62 -29.25 16.50 11.46
C VAL F 62 -27.93 16.46 10.70
N ASN F 63 -27.64 17.47 9.88
CA ASN F 63 -26.37 17.49 9.18
C ASN F 63 -25.71 18.86 9.25
N VAL F 64 -24.38 18.87 9.39
CA VAL F 64 -23.62 20.12 9.39
C VAL F 64 -22.38 19.92 8.54
N SER F 65 -21.83 21.01 8.03
CA SER F 65 -20.64 20.93 7.19
C SER F 65 -19.48 20.34 7.97
N CYS F 66 -18.61 19.65 7.26
CA CYS F 66 -17.47 19.06 7.91
C CYS F 66 -16.65 20.14 8.58
N PRO F 67 -16.29 19.90 9.84
CA PRO F 67 -15.55 20.82 10.70
C PRO F 67 -14.40 21.46 9.93
N TRP F 68 -14.37 22.78 9.82
CA TRP F 68 -13.39 23.41 8.96
C TRP F 68 -11.96 23.33 9.52
N TYR F 69 -11.80 23.00 10.81
CA TYR F 69 -10.46 22.90 11.40
C TYR F 69 -9.68 21.66 10.95
N LEU F 70 -10.36 20.68 10.36
CA LEU F 70 -9.70 19.45 9.92
C LEU F 70 -8.66 19.77 8.85
N PRO F 71 -7.48 19.14 8.94
CA PRO F 71 -6.41 19.42 7.96
C PRO F 71 -6.86 19.26 6.50
N TRP F 72 -7.59 18.19 6.22
CA TRP F 72 -8.01 17.85 4.86
C TRP F 72 -9.39 18.44 4.51
N ALA F 73 -9.84 19.42 5.28
CA ALA F 73 -11.18 19.97 5.15
C ALA F 73 -11.43 20.61 3.78
N SER F 74 -10.35 21.13 3.18
CA SER F 74 -10.44 21.77 1.87
C SER F 74 -10.75 20.74 0.79
N SER F 75 -10.36 19.50 1.04
CA SER F 75 -10.59 18.38 0.12
C SER F 75 -12.04 17.89 0.12
N VAL F 76 -12.82 18.38 1.09
CA VAL F 76 -14.20 17.91 1.24
C VAL F 76 -15.16 19.09 1.33
N PRO F 77 -15.07 20.03 0.36
CA PRO F 77 -15.66 21.37 0.47
C PRO F 77 -17.17 21.42 0.68
N GLN F 78 -17.90 20.44 0.17
CA GLN F 78 -19.35 20.45 0.36
C GLN F 78 -19.88 19.17 1.01
N GLY F 79 -19.01 18.48 1.74
CA GLY F 79 -19.39 17.28 2.47
C GLY F 79 -20.09 17.59 3.79
N HIS F 80 -20.74 16.58 4.36
CA HIS F 80 -21.53 16.78 5.58
C HIS F 80 -21.39 15.63 6.56
N VAL F 81 -21.52 15.96 7.84
CA VAL F 81 -21.49 14.95 8.88
C VAL F 81 -22.91 14.85 9.44
N TYR F 82 -23.33 13.64 9.81
CA TYR F 82 -24.72 13.42 10.19
C TYR F 82 -24.88 12.83 11.58
N ARG F 83 -25.86 13.36 12.33
CA ARG F 83 -26.37 12.69 13.51
C ARG F 83 -27.86 12.41 13.27
N PHE F 84 -28.44 11.48 14.03
CA PHE F 84 -29.86 11.19 13.94
C PHE F 84 -30.56 11.48 15.28
N CYS F 85 -31.64 12.26 15.23
CA CYS F 85 -32.48 12.51 16.40
C CYS F 85 -33.61 11.48 16.44
N THR F 86 -33.62 10.63 17.47
CA THR F 86 -34.61 9.56 17.54
C THR F 86 -36.04 10.09 17.88
N ALA F 87 -37.02 9.20 17.81
CA ALA F 87 -38.41 9.60 18.05
C ALA F 87 -38.60 10.03 19.50
N GLU F 88 -37.75 9.51 20.37
CA GLU F 88 -37.84 9.80 21.79
C GLU F 88 -37.09 11.09 22.14
N GLY F 89 -36.72 11.88 21.13
CA GLY F 89 -36.02 13.14 21.33
C GLY F 89 -34.59 13.02 21.88
N LEU F 90 -33.95 11.89 21.64
CA LEU F 90 -32.57 11.68 22.06
C LEU F 90 -31.69 11.45 20.83
N TRP F 91 -30.44 11.87 20.90
CA TRP F 91 -29.48 11.56 19.86
C TRP F 91 -29.34 10.05 19.69
N LEU F 92 -29.39 9.58 18.44
CA LEU F 92 -29.19 8.15 18.18
C LEU F 92 -27.85 7.70 18.77
N GLN F 93 -27.85 6.52 19.37
CA GLN F 93 -26.66 6.00 20.03
C GLN F 93 -26.79 4.50 20.22
N LYS F 94 -25.74 3.75 19.93
CA LYS F 94 -25.74 2.30 20.15
C LYS F 94 -25.65 2.00 21.65
N ASP F 95 -26.26 0.90 22.08
CA ASP F 95 -26.31 0.60 23.51
C ASP F 95 -24.94 0.24 24.12
N ASN F 96 -24.02 -0.22 23.27
CA ASN F 96 -22.69 -0.63 23.72
C ASN F 96 -21.61 0.43 23.45
N SER F 97 -22.03 1.64 23.14
CA SER F 97 -21.09 2.71 22.85
C SER F 97 -21.37 3.96 23.70
N SER F 98 -20.31 4.60 24.19
CA SER F 98 -20.49 5.78 25.03
C SER F 98 -20.59 7.08 24.22
N LEU F 99 -20.39 6.97 22.90
CA LEU F 99 -20.52 8.12 21.99
C LEU F 99 -21.82 8.05 21.16
N PRO F 100 -22.46 9.20 20.95
CA PRO F 100 -23.64 9.19 20.07
C PRO F 100 -23.30 8.72 18.66
N TRP F 101 -24.31 8.20 17.99
CA TRP F 101 -24.16 7.73 16.63
C TRP F 101 -23.77 8.88 15.71
N ARG F 102 -22.93 8.58 14.74
CA ARG F 102 -22.45 9.60 13.85
C ARG F 102 -22.06 8.94 12.54
N ASP F 103 -22.38 9.59 11.43
CA ASP F 103 -21.83 9.15 10.16
C ASP F 103 -20.94 10.24 9.58
N LEU F 104 -19.63 9.98 9.51
CA LEU F 104 -18.73 11.00 9.01
C LEU F 104 -18.02 10.54 7.72
N SER F 105 -18.52 9.45 7.14
CA SER F 105 -17.93 8.88 5.94
C SER F 105 -17.70 9.91 4.83
N GLU F 106 -18.57 10.91 4.72
CA GLU F 106 -18.40 11.94 3.70
C GLU F 106 -17.21 12.84 4.03
N CYS F 107 -16.59 12.65 5.19
CA CYS F 107 -15.46 13.50 5.52
C CYS F 107 -14.26 12.89 6.20
N GLU F 108 -13.90 11.68 5.79
CA GLU F 108 -12.67 11.09 6.26
C GLU F 108 -11.56 11.49 5.31
N GLU F 109 -10.32 11.22 5.70
CA GLU F 109 -9.13 11.70 5.01
C GLU F 109 -8.99 11.14 3.60
#